data_7Y9T
#
_entry.id   7Y9T
#
_cell.length_a   1.00
_cell.length_b   1.00
_cell.length_c   1.00
_cell.angle_alpha   90.00
_cell.angle_beta   90.00
_cell.angle_gamma   90.00
#
_symmetry.space_group_name_H-M   'P 1'
#
loop_
_entity.id
_entity.type
_entity.pdbx_description
1 polymer 'Auxin efflux carrier component 1'
2 polymer nanobody
#
loop_
_entity_poly.entity_id
_entity_poly.type
_entity_poly.pdbx_seq_one_letter_code
_entity_poly.pdbx_strand_id
1 'polypeptide(L)'
;MITAADFYHVMTAMVPLYVAMILAYGSVKWWKIFTPDQCSGINRFVALFAVPLLSFHFIAANNPYAMNLRFLAADSLQKV
IVLSLLFLWCKLSRNGSLDWTITLFSLSTLPNTLVMGIPLLKGMYGNFSGDLMVQIVVLQCIIWYTLMLFLFEYRGAKLL
ISEQFPDTAGSIVSIHVDSDIMSLDGRQPLETEAEIKEDGKLHVTVRRSNASRSDIYSRRSQGLSATPRPSNLTNAEIYS
LQSSRNPTPRGSSFNHTDFYSMMASGGGRNSNFGPGEAVFGSKGPTPRPSNYEEDGGPAKPTAAGTAAGAGRFHYQSGGS
GGGGGAHYPAPNPGMFSPNTGGGGGTAAKGNAPVVGGKRQDGNGRDLHMFVWSSSASPVSDVFGGGGGNHHADYSTATND
HQKDVKISVPQGNSNDNQYVEREEFSFGNKDDDSKVLATDGGNNISNKTTQAKVMPPTSVMTRLILIMVWRKLIRNPNSY
SSLFGITWSLISFKWNIEMPALIAKSISILSDAGLGMAMFSLGLFMALNPRIIACGNRRAAFAAAMRFVVGPAVMLVASY
AVGLRGVLLHVAIIQAALPQGIVPFVFAKEYNVHPDILSTAVIFGMLIALPITLLYYILLGL
;
A,B
2 'polypeptide(L)'
;GSSSQVQLVESGGGLVQAGGSLRLSCAASGFPVNISWMEWYRQVPGKEREWVAAIQSTGSYTWYADSVKGRFTISRDNAK
NTVYLQMNSLKPEDTAVYYCRVKVGAYYRGQGTQVTVSAGRAG
;
D,C
#
# COMPACT_ATOMS: atom_id res chain seq x y z
N MET A 1 -37.83 -16.66 -21.31
CA MET A 1 -37.64 -15.29 -20.93
C MET A 1 -37.42 -15.12 -19.44
N ILE A 2 -37.75 -13.95 -18.90
CA ILE A 2 -37.45 -13.63 -17.51
C ILE A 2 -38.25 -14.30 -16.48
N THR A 3 -37.73 -15.43 -16.04
CA THR A 3 -38.31 -16.14 -14.94
C THR A 3 -37.65 -15.63 -13.69
N ALA A 4 -38.06 -16.07 -12.53
CA ALA A 4 -37.34 -15.62 -11.37
C ALA A 4 -36.22 -16.48 -11.24
N ALA A 5 -36.04 -17.34 -12.20
CA ALA A 5 -34.82 -18.11 -12.03
C ALA A 5 -33.62 -17.40 -12.62
N ASP A 6 -33.84 -16.58 -13.63
CA ASP A 6 -32.75 -15.81 -14.23
C ASP A 6 -32.33 -14.65 -13.37
N PHE A 7 -33.26 -14.06 -12.61
CA PHE A 7 -32.95 -12.95 -11.71
C PHE A 7 -32.00 -13.37 -10.60
N TYR A 8 -31.98 -14.65 -10.24
CA TYR A 8 -31.04 -15.14 -9.25
C TYR A 8 -29.68 -15.43 -9.86
N HIS A 9 -29.60 -15.76 -11.15
CA HIS A 9 -28.30 -15.93 -11.77
C HIS A 9 -27.61 -14.61 -12.00
N VAL A 10 -28.36 -13.52 -12.18
CA VAL A 10 -27.75 -12.23 -12.38
C VAL A 10 -27.20 -11.68 -11.07
N MET A 11 -27.92 -11.92 -9.97
CA MET A 11 -27.48 -11.43 -8.68
C MET A 11 -26.31 -12.24 -8.14
N THR A 12 -26.19 -13.50 -8.51
CA THR A 12 -25.05 -14.31 -8.09
C THR A 12 -23.76 -13.82 -8.71
N ALA A 13 -23.83 -13.16 -9.87
CA ALA A 13 -22.68 -12.66 -10.58
C ALA A 13 -22.28 -11.25 -10.17
N MET A 14 -23.20 -10.45 -9.65
CA MET A 14 -22.95 -9.03 -9.43
C MET A 14 -22.87 -8.62 -7.97
N VAL A 15 -23.67 -9.24 -7.09
CA VAL A 15 -23.57 -8.95 -5.66
C VAL A 15 -22.18 -9.23 -5.08
N PRO A 16 -21.43 -10.26 -5.50
CA PRO A 16 -20.01 -10.33 -5.11
C PRO A 16 -19.14 -9.15 -5.49
N LEU A 17 -19.50 -8.36 -6.49
CA LEU A 17 -18.63 -7.26 -6.90
C LEU A 17 -18.83 -6.03 -6.02
N TYR A 18 -20.05 -5.80 -5.55
CA TYR A 18 -20.30 -4.68 -4.66
C TYR A 18 -19.86 -4.93 -3.23
N VAL A 19 -19.79 -6.19 -2.81
CA VAL A 19 -19.30 -6.51 -1.48
C VAL A 19 -17.82 -6.18 -1.36
N ALA A 20 -17.05 -6.45 -2.40
CA ALA A 20 -15.64 -6.08 -2.40
C ALA A 20 -15.39 -4.58 -2.45
N MET A 21 -16.37 -3.78 -2.87
CA MET A 21 -16.16 -2.32 -3.00
C MET A 21 -16.53 -1.53 -1.76
N ILE A 22 -17.57 -1.92 -1.04
CA ILE A 22 -18.08 -1.28 0.12
C ILE A 22 -17.33 -1.66 1.33
N LEU A 23 -16.47 -2.61 1.30
CA LEU A 23 -15.60 -2.87 2.35
C LEU A 23 -14.46 -2.11 2.13
N ALA A 24 -14.07 -1.62 0.96
CA ALA A 24 -12.96 -0.71 0.77
C ALA A 24 -13.35 0.72 1.05
N TYR A 25 -14.56 1.11 0.66
CA TYR A 25 -15.08 2.42 1.00
C TYR A 25 -15.27 2.56 2.49
N GLY A 26 -15.68 1.49 3.16
CA GLY A 26 -15.87 1.56 4.60
C GLY A 26 -14.56 1.67 5.35
N SER A 27 -13.54 1.06 4.90
CA SER A 27 -12.25 1.01 5.49
C SER A 27 -11.52 2.24 5.64
N VAL A 28 -11.70 3.24 4.87
CA VAL A 28 -11.04 4.52 4.92
C VAL A 28 -12.00 5.58 5.43
N LYS A 29 -13.27 5.50 5.06
CA LYS A 29 -14.23 6.54 5.46
C LYS A 29 -14.86 6.35 6.83
N TRP A 30 -15.15 5.12 7.22
CA TRP A 30 -15.83 4.92 8.44
C TRP A 30 -14.91 4.37 9.42
N TRP A 31 -14.04 3.39 9.12
CA TRP A 31 -13.28 2.70 10.16
C TRP A 31 -11.79 3.00 10.14
N LYS A 32 -11.31 3.79 9.31
CA LYS A 32 -9.95 4.19 9.21
C LYS A 32 -8.94 3.19 9.35
N ILE A 33 -8.90 2.28 8.42
CA ILE A 33 -7.87 1.25 8.47
C ILE A 33 -6.66 1.67 7.65
N PHE A 34 -6.87 2.35 6.53
CA PHE A 34 -5.80 2.67 5.60
C PHE A 34 -5.50 4.17 5.57
N THR A 35 -4.25 4.51 5.78
CA THR A 35 -3.73 5.85 5.54
C THR A 35 -3.80 6.15 4.04
N PRO A 36 -4.04 7.41 3.65
CA PRO A 36 -3.99 7.76 2.22
C PRO A 36 -2.67 7.49 1.52
N ASP A 37 -1.56 7.35 2.24
CA ASP A 37 -0.33 6.90 1.62
C ASP A 37 -0.24 5.38 1.54
N GLN A 38 -1.10 4.68 2.28
CA GLN A 38 -1.18 3.23 2.18
C GLN A 38 -2.16 2.79 1.12
N CYS A 39 -3.15 3.63 0.79
CA CYS A 39 -4.04 3.33 -0.33
C CYS A 39 -3.32 3.42 -1.66
N SER A 40 -2.29 4.27 -1.74
CA SER A 40 -1.50 4.43 -2.95
C SER A 40 -0.67 3.21 -3.29
N GLY A 41 -0.41 2.31 -2.34
CA GLY A 41 0.36 1.12 -2.62
C GLY A 41 -0.52 -0.04 -3.04
N ILE A 42 -1.81 0.05 -2.74
CA ILE A 42 -2.73 -0.98 -3.20
C ILE A 42 -3.20 -0.67 -4.61
N ASN A 43 -3.43 0.60 -4.92
CA ASN A 43 -3.81 0.97 -6.29
C ASN A 43 -2.68 0.74 -7.28
N ARG A 44 -1.44 0.82 -6.82
CA ARG A 44 -0.30 0.62 -7.71
C ARG A 44 -0.02 -0.86 -7.94
N PHE A 45 -0.40 -1.72 -7.01
CA PHE A 45 -0.27 -3.16 -7.25
C PHE A 45 -1.32 -3.65 -8.24
N VAL A 46 -2.53 -3.11 -8.17
CA VAL A 46 -3.60 -3.52 -9.07
C VAL A 46 -3.33 -3.03 -10.48
N ALA A 47 -2.80 -1.82 -10.62
CA ALA A 47 -2.62 -1.22 -11.93
C ALA A 47 -1.43 -1.83 -12.68
N LEU A 48 -0.49 -2.45 -11.98
CA LEU A 48 0.70 -2.96 -12.64
C LEU A 48 0.79 -4.48 -12.69
N PHE A 49 0.19 -5.19 -11.74
CA PHE A 49 0.35 -6.63 -11.64
C PHE A 49 -0.96 -7.40 -11.83
N ALA A 50 -2.04 -6.97 -11.18
CA ALA A 50 -3.24 -7.80 -11.18
C ALA A 50 -4.04 -7.67 -12.46
N VAL A 51 -4.26 -6.45 -12.93
CA VAL A 51 -5.06 -6.18 -14.13
C VAL A 51 -4.34 -6.51 -15.43
N PRO A 52 -3.02 -6.26 -15.62
CA PRO A 52 -2.37 -6.80 -16.83
C PRO A 52 -2.31 -8.31 -16.91
N LEU A 53 -2.26 -9.01 -15.78
CA LEU A 53 -2.32 -10.47 -15.80
C LEU A 53 -3.73 -11.02 -15.92
N LEU A 54 -4.74 -10.21 -15.63
CA LEU A 54 -6.12 -10.66 -15.82
C LEU A 54 -6.50 -10.64 -17.29
N SER A 55 -6.05 -9.64 -18.04
CA SER A 55 -6.39 -9.57 -19.45
C SER A 55 -5.53 -10.48 -20.31
N PHE A 56 -4.35 -10.87 -19.84
CA PHE A 56 -3.61 -11.93 -20.53
C PHE A 56 -4.34 -13.26 -20.44
N HIS A 57 -5.02 -13.52 -19.30
CA HIS A 57 -5.75 -14.76 -19.10
C HIS A 57 -6.92 -14.90 -20.07
N PHE A 58 -7.60 -13.81 -20.38
CA PHE A 58 -8.73 -13.82 -21.28
C PHE A 58 -8.33 -13.80 -22.75
N ILE A 59 -7.29 -13.03 -23.10
CA ILE A 59 -6.93 -12.89 -24.51
C ILE A 59 -6.23 -14.14 -25.01
N ALA A 60 -5.42 -14.78 -24.17
CA ALA A 60 -4.69 -15.96 -24.61
C ALA A 60 -5.52 -17.22 -24.67
N ALA A 61 -6.77 -17.19 -24.21
CA ALA A 61 -7.69 -18.30 -24.38
C ALA A 61 -8.76 -18.01 -25.39
N ASN A 62 -8.63 -16.92 -26.15
CA ASN A 62 -9.51 -16.60 -27.24
C ASN A 62 -9.10 -17.33 -28.50
N ASN A 63 -10.07 -17.71 -29.32
CA ASN A 63 -9.75 -18.34 -30.59
C ASN A 63 -9.83 -17.29 -31.68
N PRO A 64 -8.71 -16.85 -32.26
CA PRO A 64 -8.76 -15.80 -33.27
C PRO A 64 -9.17 -16.28 -34.64
N TYR A 65 -9.33 -17.59 -34.85
CA TYR A 65 -9.72 -18.13 -36.12
C TYR A 65 -11.21 -18.40 -36.20
N ALA A 66 -11.94 -18.13 -35.13
CA ALA A 66 -13.38 -18.34 -35.06
C ALA A 66 -14.04 -17.17 -34.37
N MET A 67 -13.67 -15.95 -34.74
CA MET A 67 -14.32 -14.78 -34.19
C MET A 67 -15.61 -14.53 -34.93
N ASN A 68 -16.53 -13.82 -34.29
CA ASN A 68 -17.84 -13.54 -34.88
C ASN A 68 -17.76 -12.21 -35.60
N LEU A 69 -17.55 -12.26 -36.92
CA LEU A 69 -17.20 -11.07 -37.67
C LEU A 69 -18.37 -10.16 -37.96
N ARG A 70 -19.60 -10.64 -37.79
CA ARG A 70 -20.74 -9.75 -37.97
C ARG A 70 -21.06 -8.99 -36.70
N PHE A 71 -20.91 -9.65 -35.54
CA PHE A 71 -21.04 -8.99 -34.26
C PHE A 71 -19.93 -7.96 -34.05
N LEU A 72 -18.75 -8.24 -34.55
CA LEU A 72 -17.58 -7.43 -34.28
C LEU A 72 -17.42 -6.29 -35.27
N ALA A 73 -18.22 -6.27 -36.34
CA ALA A 73 -18.25 -5.17 -37.29
C ALA A 73 -19.38 -4.20 -37.03
N ALA A 74 -20.31 -4.55 -36.14
CA ALA A 74 -21.33 -3.63 -35.69
C ALA A 74 -20.86 -2.78 -34.52
N ASP A 75 -19.81 -3.22 -33.84
CA ASP A 75 -19.18 -2.41 -32.81
C ASP A 75 -18.14 -1.46 -33.37
N SER A 76 -17.49 -1.81 -34.45
CA SER A 76 -16.61 -0.88 -35.14
C SER A 76 -17.37 0.18 -35.90
N LEU A 77 -18.63 -0.04 -36.24
CA LEU A 77 -19.45 0.95 -36.90
C LEU A 77 -20.06 1.95 -35.94
N GLN A 78 -20.20 1.60 -34.67
CA GLN A 78 -20.64 2.56 -33.66
C GLN A 78 -19.63 3.69 -33.52
N LYS A 79 -18.35 3.36 -33.43
CA LYS A 79 -17.30 4.31 -33.18
C LYS A 79 -16.85 5.05 -34.42
N VAL A 80 -17.46 4.78 -35.57
CA VAL A 80 -17.29 5.60 -36.75
C VAL A 80 -18.41 6.62 -36.89
N ILE A 81 -19.65 6.25 -36.56
CA ILE A 81 -20.77 7.20 -36.57
C ILE A 81 -20.57 8.27 -35.50
N VAL A 82 -20.05 7.89 -34.33
CA VAL A 82 -19.82 8.86 -33.26
C VAL A 82 -18.68 9.80 -33.63
N LEU A 83 -17.56 9.23 -34.06
CA LEU A 83 -16.35 10.00 -34.27
C LEU A 83 -16.43 10.86 -35.53
N SER A 84 -17.39 10.60 -36.42
CA SER A 84 -17.58 11.43 -37.60
C SER A 84 -18.58 12.54 -37.38
N LEU A 85 -19.43 12.46 -36.38
CA LEU A 85 -20.26 13.61 -36.04
C LEU A 85 -19.53 14.58 -35.13
N LEU A 86 -18.46 14.15 -34.47
CA LEU A 86 -17.61 15.06 -33.73
C LEU A 86 -16.59 15.75 -34.63
N PHE A 87 -16.42 15.29 -35.86
CA PHE A 87 -15.61 16.02 -36.82
C PHE A 87 -16.39 17.13 -37.48
N LEU A 88 -17.69 16.93 -37.69
CA LEU A 88 -18.57 17.96 -38.23
C LEU A 88 -18.99 18.99 -37.21
N TRP A 89 -18.57 18.97 -36.00
CA TRP A 89 -18.89 20.01 -35.05
C TRP A 89 -17.64 20.80 -35.01
N CYS A 90 -16.51 20.20 -34.74
CA CYS A 90 -15.27 20.89 -34.72
C CYS A 90 -15.01 21.69 -35.96
N LYS A 91 -15.73 21.55 -37.04
CA LYS A 91 -15.41 22.22 -38.31
C LYS A 91 -16.46 23.20 -38.80
N LEU A 92 -17.73 22.96 -38.52
CA LEU A 92 -18.75 23.93 -38.89
C LEU A 92 -18.92 25.01 -37.83
N SER A 93 -18.86 24.65 -36.56
CA SER A 93 -19.09 25.61 -35.50
C SER A 93 -17.78 26.24 -35.05
N ARG A 94 -17.90 27.26 -34.20
CA ARG A 94 -16.76 27.98 -33.67
C ARG A 94 -16.51 27.70 -32.20
N ASN A 95 -17.46 27.09 -31.51
CA ASN A 95 -17.29 26.75 -30.10
C ASN A 95 -16.86 25.32 -29.87
N GLY A 96 -16.69 24.53 -30.93
CA GLY A 96 -16.14 23.20 -30.76
C GLY A 96 -14.64 23.24 -30.57
N SER A 97 -14.17 22.43 -29.63
CA SER A 97 -12.76 22.36 -29.30
C SER A 97 -12.25 20.95 -29.55
N LEU A 98 -11.00 20.70 -29.14
CA LEU A 98 -10.47 19.36 -29.20
C LEU A 98 -10.45 18.72 -27.81
N ASP A 99 -10.56 19.52 -26.75
CA ASP A 99 -10.73 18.95 -25.43
C ASP A 99 -12.07 18.26 -25.29
N TRP A 100 -13.12 18.80 -25.90
CA TRP A 100 -14.43 18.20 -25.79
C TRP A 100 -14.62 17.00 -26.70
N THR A 101 -13.86 16.87 -27.78
CA THR A 101 -14.08 15.69 -28.59
C THR A 101 -13.32 14.48 -28.09
N ILE A 102 -12.41 14.65 -27.13
CA ILE A 102 -11.82 13.49 -26.50
C ILE A 102 -12.71 13.01 -25.35
N THR A 103 -13.41 13.93 -24.72
CA THR A 103 -14.30 13.56 -23.63
C THR A 103 -15.59 12.93 -24.15
N LEU A 104 -16.18 13.50 -25.20
CA LEU A 104 -17.45 12.97 -25.68
C LEU A 104 -17.27 11.66 -26.45
N PHE A 105 -16.12 11.18 -26.78
CA PHE A 105 -15.90 9.87 -27.37
C PHE A 105 -15.60 8.84 -26.41
N SER A 106 -15.39 9.05 -25.17
CA SER A 106 -15.00 8.15 -24.28
C SER A 106 -16.00 8.06 -23.34
N LEU A 107 -17.05 8.77 -23.41
CA LEU A 107 -18.17 8.76 -22.53
C LEU A 107 -19.26 8.28 -23.30
N SER A 108 -19.15 8.03 -24.49
CA SER A 108 -20.17 7.37 -25.28
C SER A 108 -19.83 5.93 -25.62
N THR A 109 -18.58 5.63 -25.96
CA THR A 109 -18.28 4.42 -26.70
C THR A 109 -17.28 3.51 -26.00
N LEU A 110 -16.85 3.83 -24.78
CA LEU A 110 -15.85 3.01 -24.11
C LEU A 110 -16.35 2.56 -22.74
N PRO A 111 -17.06 1.43 -22.69
CA PRO A 111 -17.54 0.94 -21.40
C PRO A 111 -16.54 0.06 -20.68
N ASN A 112 -16.92 -0.43 -19.50
CA ASN A 112 -16.09 -1.25 -18.64
C ASN A 112 -16.46 -2.71 -18.90
N THR A 113 -15.83 -3.32 -19.89
CA THR A 113 -16.18 -4.69 -20.24
C THR A 113 -15.25 -5.74 -19.63
N LEU A 114 -14.07 -5.36 -19.15
CA LEU A 114 -13.15 -6.39 -18.66
C LEU A 114 -13.54 -6.86 -17.26
N VAL A 115 -13.84 -5.93 -16.37
CA VAL A 115 -14.12 -6.29 -14.99
C VAL A 115 -15.60 -6.56 -14.77
N MET A 116 -16.48 -5.66 -15.16
CA MET A 116 -17.91 -5.89 -14.97
C MET A 116 -18.56 -6.60 -16.14
N GLY A 117 -18.05 -6.43 -17.35
CA GLY A 117 -18.79 -6.85 -18.52
C GLY A 117 -18.81 -8.34 -18.75
N ILE A 118 -17.70 -9.02 -18.50
CA ILE A 118 -17.62 -10.46 -18.72
C ILE A 118 -18.40 -11.25 -17.66
N PRO A 119 -18.36 -10.94 -16.34
CA PRO A 119 -19.29 -11.63 -15.43
C PRO A 119 -20.75 -11.33 -15.66
N LEU A 120 -21.12 -10.12 -16.06
CA LEU A 120 -22.53 -9.76 -16.14
C LEU A 120 -23.22 -10.43 -17.30
N LEU A 121 -22.65 -10.32 -18.51
CA LEU A 121 -23.29 -10.90 -19.69
C LEU A 121 -23.30 -12.41 -19.65
N LYS A 122 -22.31 -13.02 -19.00
CA LYS A 122 -22.26 -14.47 -18.94
C LYS A 122 -23.29 -15.04 -17.98
N GLY A 123 -23.77 -14.25 -17.03
CA GLY A 123 -24.85 -14.68 -16.17
C GLY A 123 -26.22 -14.41 -16.73
N MET A 124 -26.32 -13.63 -17.79
CA MET A 124 -27.61 -13.28 -18.36
C MET A 124 -27.98 -14.09 -19.58
N TYR A 125 -27.01 -14.46 -20.42
CA TYR A 125 -27.31 -15.16 -21.66
C TYR A 125 -26.55 -16.45 -21.85
N GLY A 126 -25.56 -16.77 -21.01
CA GLY A 126 -24.90 -18.04 -21.14
C GLY A 126 -23.40 -17.95 -21.33
N ASN A 127 -22.77 -19.04 -21.78
CA ASN A 127 -21.32 -19.03 -21.90
C ASN A 127 -20.83 -18.54 -23.26
N PHE A 128 -21.70 -18.51 -24.27
CA PHE A 128 -21.28 -17.92 -25.54
C PHE A 128 -21.19 -16.41 -25.43
N SER A 129 -22.01 -15.82 -24.55
CA SER A 129 -22.12 -14.38 -24.45
C SER A 129 -20.97 -13.79 -23.66
N GLY A 130 -20.33 -14.58 -22.81
CA GLY A 130 -19.11 -14.18 -22.18
C GLY A 130 -17.89 -14.47 -23.01
N ASP A 131 -18.00 -14.94 -24.18
CA ASP A 131 -16.91 -15.17 -25.12
C ASP A 131 -16.98 -14.16 -26.13
N LEU A 132 -18.16 -13.61 -26.39
CA LEU A 132 -18.23 -12.45 -27.27
C LEU A 132 -17.63 -11.22 -26.62
N MET A 133 -17.72 -11.12 -25.29
CA MET A 133 -17.16 -9.98 -24.59
C MET A 133 -15.65 -9.99 -24.55
N VAL A 134 -15.02 -11.15 -24.73
CA VAL A 134 -13.57 -11.19 -24.78
C VAL A 134 -13.08 -10.66 -26.11
N GLN A 135 -13.83 -10.90 -27.19
CA GLN A 135 -13.45 -10.41 -28.51
C GLN A 135 -13.53 -8.89 -28.61
N ILE A 136 -14.40 -8.25 -27.82
CA ILE A 136 -14.46 -6.80 -27.77
C ILE A 136 -13.28 -6.22 -26.99
N VAL A 137 -12.85 -6.90 -25.92
CA VAL A 137 -11.68 -6.49 -25.15
C VAL A 137 -10.41 -6.54 -25.98
N VAL A 138 -10.31 -7.49 -26.92
CA VAL A 138 -9.17 -7.59 -27.81
C VAL A 138 -9.08 -6.36 -28.72
N LEU A 139 -10.22 -5.87 -29.19
CA LEU A 139 -10.23 -4.69 -30.05
C LEU A 139 -10.02 -3.40 -29.30
N GLN A 140 -10.48 -3.29 -28.05
CA GLN A 140 -10.22 -2.09 -27.26
C GLN A 140 -8.76 -1.97 -26.91
N CYS A 141 -8.12 -3.07 -26.53
CA CYS A 141 -6.72 -3.02 -26.13
C CYS A 141 -5.81 -2.73 -27.30
N ILE A 142 -6.15 -3.19 -28.50
CA ILE A 142 -5.22 -3.16 -29.60
C ILE A 142 -5.54 -2.07 -30.62
N ILE A 143 -6.75 -1.50 -30.62
CA ILE A 143 -7.08 -0.47 -31.60
C ILE A 143 -7.56 0.81 -30.94
N TRP A 144 -8.61 0.75 -30.12
CA TRP A 144 -9.25 1.98 -29.70
C TRP A 144 -8.55 2.67 -28.54
N TYR A 145 -7.74 2.04 -27.82
CA TYR A 145 -7.01 2.71 -26.80
C TYR A 145 -5.70 3.16 -27.28
N THR A 146 -5.37 3.13 -28.54
CA THR A 146 -4.17 3.55 -29.18
C THR A 146 -4.54 4.64 -30.05
N LEU A 147 -5.74 4.87 -30.46
CA LEU A 147 -6.14 6.06 -31.12
C LEU A 147 -6.39 7.09 -30.16
N MET A 148 -6.52 6.88 -28.90
CA MET A 148 -6.66 7.86 -27.87
C MET A 148 -5.42 8.16 -27.21
N LEU A 149 -4.28 7.80 -27.67
CA LEU A 149 -3.01 8.18 -27.19
C LEU A 149 -2.64 8.95 -28.35
N PHE A 150 -3.10 8.64 -29.53
CA PHE A 150 -2.66 9.59 -30.56
C PHE A 150 -3.32 10.94 -30.40
N LEU A 151 -4.51 10.99 -29.81
CA LEU A 151 -5.20 12.27 -29.71
C LEU A 151 -4.70 13.08 -28.53
N PHE A 152 -4.29 12.45 -27.44
CA PHE A 152 -3.73 13.20 -26.33
C PHE A 152 -2.35 13.72 -26.63
N GLU A 153 -1.56 12.98 -27.41
CA GLU A 153 -0.22 13.44 -27.75
C GLU A 153 -0.24 14.53 -28.81
N TYR A 154 -1.18 14.49 -29.74
CA TYR A 154 -1.37 15.59 -30.68
C TYR A 154 -1.87 16.83 -29.99
N ARG A 155 -2.66 16.67 -28.94
CA ARG A 155 -3.21 17.82 -28.23
C ARG A 155 -2.14 18.50 -27.38
N GLY A 156 -1.17 17.74 -26.88
CA GLY A 156 -0.10 18.31 -26.09
C GLY A 156 0.98 18.92 -26.94
N ALA A 157 1.27 18.32 -28.08
CA ALA A 157 2.30 18.84 -28.97
C ALA A 157 1.81 20.03 -29.79
N LYS A 158 0.54 20.39 -29.69
CA LYS A 158 0.04 21.59 -30.35
C LYS A 158 -0.04 22.75 -29.36
N LEU A 159 -0.19 22.46 -28.07
CA LEU A 159 -0.16 23.51 -27.06
C LEU A 159 1.25 23.95 -26.71
N LEU A 160 2.27 23.29 -27.26
CA LEU A 160 3.65 23.71 -27.09
C LEU A 160 4.13 24.58 -28.25
N ILE A 161 3.86 24.15 -29.48
CA ILE A 161 4.41 24.84 -30.64
C ILE A 161 3.64 26.12 -30.92
N SER A 162 2.32 26.08 -30.82
CA SER A 162 1.51 27.27 -31.06
C SER A 162 1.65 28.30 -29.96
N GLU A 163 2.18 27.92 -28.81
CA GLU A 163 2.37 28.83 -27.68
C GLU A 163 3.76 29.46 -27.67
N GLN A 164 4.78 28.76 -28.14
CA GLN A 164 6.13 29.30 -28.17
C GLN A 164 6.61 29.75 -29.54
N PHE A 165 5.95 29.33 -30.61
CA PHE A 165 6.25 29.80 -31.96
C PHE A 165 5.00 30.41 -32.59
N PRO A 166 4.54 31.56 -32.10
CA PRO A 166 3.25 32.07 -32.56
C PRO A 166 3.28 32.72 -33.93
N ASP A 167 4.43 33.24 -34.36
CA ASP A 167 4.51 33.98 -35.61
C ASP A 167 5.58 33.43 -36.55
N THR A 168 6.14 32.28 -36.22
CA THR A 168 7.32 31.80 -36.95
C THR A 168 7.19 30.33 -37.35
N ALA A 169 6.21 29.59 -36.80
CA ALA A 169 6.19 28.14 -36.85
C ALA A 169 6.02 27.54 -38.24
N GLY A 170 5.79 28.35 -39.27
CA GLY A 170 5.71 27.80 -40.60
C GLY A 170 7.03 27.41 -41.22
N SER A 171 8.15 27.75 -40.58
CA SER A 171 9.47 27.49 -41.14
C SER A 171 10.23 26.40 -40.40
N ILE A 172 9.58 25.66 -39.51
CA ILE A 172 10.24 24.58 -38.78
C ILE A 172 10.35 23.36 -39.68
N VAL A 173 11.56 22.83 -39.82
CA VAL A 173 11.79 21.69 -40.70
C VAL A 173 12.11 20.40 -39.95
N SER A 174 12.45 20.47 -38.67
CA SER A 174 12.80 19.27 -37.92
C SER A 174 12.65 19.56 -36.44
N ILE A 175 12.03 18.63 -35.71
CA ILE A 175 11.84 18.74 -34.27
C ILE A 175 12.45 17.52 -33.60
N HIS A 176 13.36 17.76 -32.65
CA HIS A 176 14.04 16.70 -31.92
C HIS A 176 13.74 16.85 -30.44
N VAL A 177 13.39 15.74 -29.80
CA VAL A 177 13.06 15.71 -28.38
C VAL A 177 14.08 14.85 -27.66
N ASP A 178 14.62 15.36 -26.56
CA ASP A 178 15.63 14.64 -25.80
C ASP A 178 15.00 13.51 -25.00
N SER A 179 15.78 12.44 -24.83
CA SER A 179 15.32 11.17 -24.31
C SER A 179 15.00 11.19 -22.82
N ASP A 180 15.28 12.28 -22.14
CA ASP A 180 14.94 12.40 -20.73
C ASP A 180 13.47 12.72 -20.56
N ILE A 181 12.85 13.34 -21.56
CA ILE A 181 11.49 13.83 -21.49
C ILE A 181 10.54 12.76 -22.03
N MET A 182 9.50 12.45 -21.27
CA MET A 182 8.45 11.56 -21.74
C MET A 182 7.23 12.33 -22.24
N SER A 183 6.66 13.17 -21.39
CA SER A 183 5.47 13.94 -21.73
C SER A 183 5.79 15.42 -21.66
N LEU A 184 5.44 16.15 -22.72
CA LEU A 184 5.77 17.57 -22.86
C LEU A 184 4.63 18.48 -22.47
N ASP A 185 3.85 18.12 -21.47
CA ASP A 185 2.95 19.07 -20.82
C ASP A 185 3.71 19.83 -19.73
N GLY A 186 3.03 20.59 -18.90
CA GLY A 186 3.79 21.37 -17.93
C GLY A 186 4.08 20.62 -16.66
N ARG A 187 5.23 19.95 -16.62
CA ARG A 187 5.78 19.32 -15.44
C ARG A 187 7.24 19.68 -15.22
N GLN A 188 8.00 19.81 -16.30
CA GLN A 188 9.39 20.20 -16.33
C GLN A 188 9.47 21.58 -16.98
N PRO A 189 10.61 22.27 -16.91
CA PRO A 189 10.68 23.59 -17.56
C PRO A 189 10.54 23.60 -19.07
N LEU A 190 11.10 22.61 -19.78
CA LEU A 190 11.00 22.45 -21.24
C LEU A 190 11.53 23.68 -21.99
N GLU A 191 12.83 23.88 -21.85
CA GLU A 191 13.55 24.86 -22.65
C GLU A 191 13.62 24.42 -24.10
N THR A 192 12.90 25.09 -24.99
CA THR A 192 13.04 24.78 -26.41
C THR A 192 13.99 25.75 -27.07
N GLU A 193 14.54 25.34 -28.20
CA GLU A 193 15.68 26.03 -28.79
C GLU A 193 15.64 25.85 -30.28
N ALA A 194 15.97 26.89 -31.03
CA ALA A 194 15.91 26.83 -32.48
C ALA A 194 17.26 27.18 -33.08
N GLU A 195 17.63 26.43 -34.12
CA GLU A 195 18.88 26.63 -34.84
C GLU A 195 18.54 27.20 -36.20
N ILE A 196 19.02 28.41 -36.48
CA ILE A 196 18.75 29.03 -37.77
C ILE A 196 19.80 28.55 -38.76
N LYS A 197 19.36 27.88 -39.82
CA LYS A 197 20.25 27.35 -40.83
C LYS A 197 20.53 28.44 -41.87
N GLU A 198 21.13 28.05 -43.00
CA GLU A 198 21.61 29.02 -43.98
C GLU A 198 20.50 29.65 -44.81
N ASP A 199 19.33 29.03 -44.86
CA ASP A 199 18.22 29.56 -45.65
C ASP A 199 17.25 30.38 -44.81
N GLY A 200 17.32 30.24 -43.49
CA GLY A 200 16.28 30.75 -42.62
C GLY A 200 15.31 29.71 -42.15
N LYS A 201 15.64 28.43 -42.30
CA LYS A 201 14.80 27.34 -41.82
C LYS A 201 15.23 26.97 -40.41
N LEU A 202 14.27 26.89 -39.50
CA LEU A 202 14.55 26.62 -38.10
C LEU A 202 14.71 25.12 -37.87
N HIS A 203 15.46 24.77 -36.84
CA HIS A 203 15.74 23.37 -36.51
C HIS A 203 15.54 23.22 -35.00
N VAL A 204 14.31 22.90 -34.60
CA VAL A 204 13.89 22.99 -33.21
C VAL A 204 14.41 21.79 -32.44
N THR A 205 14.86 22.01 -31.20
CA THR A 205 15.34 20.97 -30.32
C THR A 205 14.78 21.23 -28.94
N VAL A 206 14.00 20.29 -28.40
CA VAL A 206 13.40 20.47 -27.09
C VAL A 206 14.36 19.90 -26.04
N ARG A 207 14.84 20.75 -25.14
CA ARG A 207 15.73 20.31 -24.05
C ARG A 207 15.02 20.40 -22.70
N ARG A 208 15.52 19.75 -21.65
CA ARG A 208 14.88 19.96 -20.36
C ARG A 208 15.67 21.01 -19.66
N SER A 209 15.06 22.01 -19.07
CA SER A 209 15.82 23.16 -18.50
C SER A 209 16.31 22.93 -17.06
N ASN A 210 17.27 23.73 -16.60
CA ASN A 210 17.86 23.53 -15.29
C ASN A 210 17.50 24.63 -14.38
N ALA A 211 17.51 24.36 -13.08
CA ALA A 211 17.05 25.33 -12.09
C ALA A 211 15.77 26.02 -12.56
N VAL A 454 -0.26 30.17 -37.98
CA VAL A 454 0.17 29.08 -38.85
C VAL A 454 0.60 27.87 -38.01
N MET A 455 0.96 26.80 -38.68
CA MET A 455 1.41 25.55 -38.06
C MET A 455 2.57 24.99 -38.87
N PRO A 456 3.39 24.12 -38.27
CA PRO A 456 4.46 23.44 -39.04
C PRO A 456 3.88 22.53 -40.11
N PRO A 457 4.65 22.17 -41.13
CA PRO A 457 4.14 21.29 -42.17
C PRO A 457 3.82 19.91 -41.62
N THR A 458 2.87 19.24 -42.29
CA THR A 458 2.32 17.99 -41.76
C THR A 458 3.27 16.81 -41.88
N SER A 459 4.43 16.98 -42.51
CA SER A 459 5.48 15.97 -42.46
C SER A 459 6.41 16.16 -41.28
N VAL A 460 6.26 17.25 -40.53
CA VAL A 460 7.08 17.53 -39.37
C VAL A 460 6.33 17.21 -38.08
N MET A 461 5.05 17.59 -38.01
CA MET A 461 4.22 17.23 -36.89
C MET A 461 3.93 15.74 -36.83
N THR A 462 4.06 15.02 -37.93
CA THR A 462 3.76 13.59 -37.91
C THR A 462 4.95 12.75 -37.47
N ARG A 463 6.14 13.33 -37.36
CA ARG A 463 7.26 12.64 -36.78
C ARG A 463 7.44 12.95 -35.31
N LEU A 464 7.00 14.14 -34.89
CA LEU A 464 7.03 14.49 -33.48
C LEU A 464 6.07 13.62 -32.67
N ILE A 465 4.94 13.25 -33.26
CA ILE A 465 3.94 12.48 -32.52
C ILE A 465 4.30 11.01 -32.47
N LEU A 466 4.80 10.45 -33.58
CA LEU A 466 5.13 9.02 -33.61
C LEU A 466 6.31 8.68 -32.70
N ILE A 467 7.18 9.65 -32.42
CA ILE A 467 8.25 9.43 -31.44
C ILE A 467 7.67 9.28 -30.05
N MET A 468 6.80 10.18 -29.73
CA MET A 468 6.20 10.25 -28.44
C MET A 468 5.08 9.42 -28.16
N VAL A 469 4.43 8.87 -29.10
CA VAL A 469 3.50 7.76 -28.92
C VAL A 469 4.27 6.49 -28.60
N TRP A 470 5.43 6.30 -29.25
CA TRP A 470 6.26 5.13 -29.03
C TRP A 470 6.84 5.08 -27.63
N ARG A 471 7.22 6.22 -27.08
CA ARG A 471 7.85 6.22 -25.77
C ARG A 471 6.89 5.97 -24.63
N LYS A 472 5.60 6.22 -24.83
CA LYS A 472 4.62 5.93 -23.79
C LYS A 472 3.90 4.63 -24.04
N LEU A 473 4.30 3.88 -25.06
CA LEU A 473 3.69 2.62 -25.39
C LEU A 473 4.56 1.44 -24.96
N ILE A 474 5.86 1.67 -24.79
CA ILE A 474 6.75 0.66 -24.22
C ILE A 474 6.86 0.76 -22.71
N ARG A 475 6.41 1.86 -22.11
CA ARG A 475 6.37 2.02 -20.68
C ARG A 475 5.05 1.61 -20.07
N ASN A 476 4.22 0.95 -20.80
CA ASN A 476 2.84 0.64 -20.43
C ASN A 476 2.69 -0.84 -20.21
N PRO A 477 2.19 -1.31 -19.07
CA PRO A 477 2.07 -2.76 -18.87
C PRO A 477 1.00 -3.42 -19.71
N ASN A 478 -0.01 -2.66 -20.14
CA ASN A 478 -1.13 -3.20 -20.87
C ASN A 478 -0.88 -3.35 -22.36
N SER A 479 0.35 -3.16 -22.81
CA SER A 479 0.69 -3.42 -24.20
C SER A 479 1.49 -4.68 -24.37
N TYR A 480 2.05 -5.23 -23.29
CA TYR A 480 2.68 -6.53 -23.29
C TYR A 480 1.69 -7.62 -22.99
N SER A 481 0.67 -7.31 -22.21
CA SER A 481 -0.47 -8.18 -22.02
C SER A 481 -1.22 -8.44 -23.32
N SER A 482 -1.25 -7.47 -24.21
CA SER A 482 -1.94 -7.61 -25.48
C SER A 482 -1.04 -8.19 -26.56
N LEU A 483 0.27 -7.97 -26.45
CA LEU A 483 1.20 -8.46 -27.45
C LEU A 483 1.41 -9.96 -27.30
N PHE A 484 1.76 -10.40 -26.09
CA PHE A 484 2.00 -11.82 -25.88
C PHE A 484 0.73 -12.64 -25.79
N GLY A 485 -0.41 -12.00 -25.56
CA GLY A 485 -1.67 -12.71 -25.52
C GLY A 485 -2.14 -13.12 -26.89
N ILE A 486 -2.05 -12.21 -27.85
CA ILE A 486 -2.48 -12.52 -29.22
C ILE A 486 -1.46 -13.41 -29.91
N THR A 487 -0.18 -13.28 -29.54
CA THR A 487 0.87 -14.07 -30.17
C THR A 487 0.79 -15.54 -29.76
N TRP A 488 0.53 -15.81 -28.48
CA TRP A 488 0.34 -17.19 -28.06
C TRP A 488 -0.96 -17.77 -28.60
N SER A 489 -1.97 -16.92 -28.80
CA SER A 489 -3.28 -17.42 -29.18
C SER A 489 -3.31 -17.84 -30.65
N LEU A 490 -2.44 -17.27 -31.47
CA LEU A 490 -2.36 -17.68 -32.87
C LEU A 490 -1.59 -18.99 -33.02
N ILE A 491 -0.67 -19.27 -32.11
CA ILE A 491 0.11 -20.50 -32.16
C ILE A 491 -0.65 -21.67 -31.53
N SER A 492 -1.38 -21.40 -30.44
CA SER A 492 -2.04 -22.47 -29.72
C SER A 492 -3.21 -23.05 -30.50
N PHE A 493 -3.97 -22.24 -31.20
CA PHE A 493 -5.21 -22.72 -31.80
C PHE A 493 -5.05 -23.18 -33.23
N LYS A 494 -3.83 -23.18 -33.77
CA LYS A 494 -3.59 -23.71 -35.09
C LYS A 494 -2.99 -25.10 -35.04
N TRP A 495 -1.95 -25.31 -34.24
CA TRP A 495 -1.34 -26.61 -34.11
C TRP A 495 -1.84 -27.39 -32.90
N ASN A 496 -2.83 -26.87 -32.18
CA ASN A 496 -3.42 -27.47 -30.97
C ASN A 496 -2.37 -27.76 -29.91
N ILE A 497 -1.73 -26.69 -29.43
CA ILE A 497 -0.71 -26.77 -28.39
C ILE A 497 -1.30 -26.20 -27.11
N GLU A 498 -1.33 -27.01 -26.05
CA GLU A 498 -1.76 -26.53 -24.75
C GLU A 498 -0.56 -25.98 -23.99
N MET A 499 -0.81 -24.96 -23.17
CA MET A 499 0.24 -24.43 -22.32
C MET A 499 0.52 -25.43 -21.21
N PRO A 500 1.80 -25.63 -20.86
CA PRO A 500 2.12 -26.59 -19.79
C PRO A 500 1.61 -26.13 -18.43
N ALA A 501 1.70 -27.05 -17.47
CA ALA A 501 1.09 -26.80 -16.17
C ALA A 501 1.98 -26.01 -15.23
N LEU A 502 3.30 -25.96 -15.46
CA LEU A 502 4.13 -25.07 -14.67
C LEU A 502 3.85 -23.62 -15.01
N ILE A 503 3.69 -23.31 -16.29
CA ILE A 503 3.52 -21.93 -16.72
C ILE A 503 2.09 -21.47 -16.48
N ALA A 504 1.11 -22.35 -16.69
CA ALA A 504 -0.29 -21.96 -16.52
C ALA A 504 -0.67 -21.73 -15.07
N LYS A 505 0.08 -22.30 -14.12
CA LYS A 505 -0.15 -22.05 -12.71
C LYS A 505 0.70 -20.93 -12.14
N SER A 506 1.80 -20.59 -12.82
CA SER A 506 2.59 -19.43 -12.40
C SER A 506 1.89 -18.14 -12.76
N ILE A 507 1.11 -18.15 -13.83
CA ILE A 507 0.33 -16.98 -14.21
C ILE A 507 -0.93 -16.89 -13.39
N SER A 508 -1.59 -18.02 -13.16
CA SER A 508 -2.87 -18.05 -12.48
C SER A 508 -2.81 -17.76 -10.99
N ILE A 509 -1.62 -17.66 -10.41
CA ILE A 509 -1.56 -17.42 -8.97
C ILE A 509 -1.77 -15.95 -8.67
N LEU A 510 -1.41 -15.05 -9.58
CA LEU A 510 -1.67 -13.63 -9.41
C LEU A 510 -2.88 -13.14 -10.18
N SER A 511 -3.30 -13.84 -11.24
CA SER A 511 -4.46 -13.39 -11.98
C SER A 511 -5.76 -13.80 -11.34
N ASP A 512 -5.75 -14.71 -10.37
CA ASP A 512 -6.95 -14.96 -9.58
C ASP A 512 -7.24 -13.82 -8.63
N ALA A 513 -6.23 -13.06 -8.26
CA ALA A 513 -6.38 -11.88 -7.43
C ALA A 513 -6.89 -10.67 -8.20
N GLY A 514 -7.12 -10.80 -9.50
CA GLY A 514 -7.35 -9.68 -10.36
C GLY A 514 -8.76 -9.14 -10.36
N LEU A 515 -9.76 -10.01 -10.32
CA LEU A 515 -11.14 -9.55 -10.35
C LEU A 515 -11.56 -8.96 -9.01
N GLY A 516 -11.09 -9.55 -7.92
CA GLY A 516 -11.53 -9.12 -6.61
C GLY A 516 -10.89 -7.83 -6.15
N MET A 517 -9.65 -7.60 -6.53
CA MET A 517 -8.98 -6.36 -6.16
C MET A 517 -9.09 -5.27 -7.20
N ALA A 518 -9.63 -5.55 -8.38
CA ALA A 518 -9.98 -4.45 -9.27
C ALA A 518 -11.19 -3.70 -8.73
N MET A 519 -12.07 -4.40 -8.03
CA MET A 519 -13.21 -3.79 -7.37
C MET A 519 -12.86 -3.23 -6.00
N PHE A 520 -11.89 -3.81 -5.32
CA PHE A 520 -11.43 -3.26 -4.05
C PHE A 520 -10.71 -1.95 -4.27
N SER A 521 -9.94 -1.84 -5.36
CA SER A 521 -9.24 -0.61 -5.67
C SER A 521 -10.15 0.50 -6.16
N LEU A 522 -11.32 0.17 -6.70
CA LEU A 522 -12.25 1.19 -7.16
C LEU A 522 -13.06 1.78 -6.02
N GLY A 523 -13.17 1.07 -4.90
CA GLY A 523 -13.78 1.65 -3.72
C GLY A 523 -12.85 2.49 -2.89
N LEU A 524 -11.55 2.26 -3.00
CA LEU A 524 -10.57 3.17 -2.41
C LEU A 524 -10.51 4.49 -3.15
N PHE A 525 -10.84 4.51 -4.44
CA PHE A 525 -10.93 5.76 -5.17
C PHE A 525 -12.10 6.61 -4.70
N MET A 526 -13.26 6.01 -4.45
CA MET A 526 -14.41 6.81 -4.09
C MET A 526 -14.40 7.27 -2.64
N ALA A 527 -13.48 6.76 -1.82
CA ALA A 527 -13.31 7.26 -0.47
C ALA A 527 -12.27 8.37 -0.38
N LEU A 528 -11.42 8.53 -1.38
CA LEU A 528 -10.43 9.58 -1.38
C LEU A 528 -10.88 10.84 -2.10
N ASN A 529 -11.92 10.77 -2.91
CA ASN A 529 -12.54 11.96 -3.43
C ASN A 529 -13.34 12.66 -2.33
N PRO A 530 -13.48 13.99 -2.39
CA PRO A 530 -14.24 14.70 -1.37
C PRO A 530 -15.74 14.44 -1.44
N ARG A 531 -16.30 14.45 -2.64
CA ARG A 531 -17.69 14.11 -2.86
C ARG A 531 -17.78 13.04 -3.94
N ILE A 532 -18.91 12.34 -3.96
CA ILE A 532 -19.14 11.34 -4.99
C ILE A 532 -19.48 12.00 -6.31
N ILE A 533 -20.47 12.87 -6.30
CA ILE A 533 -20.80 13.69 -7.46
C ILE A 533 -19.83 14.85 -7.48
N ALA A 534 -18.69 14.69 -8.13
CA ALA A 534 -17.55 15.58 -7.95
C ALA A 534 -17.61 16.84 -8.79
N CYS A 535 -18.40 16.87 -9.85
CA CYS A 535 -18.36 17.99 -10.77
C CYS A 535 -19.55 18.92 -10.66
N GLY A 536 -20.61 18.53 -9.98
CA GLY A 536 -21.83 19.29 -9.91
C GLY A 536 -22.96 18.59 -10.62
N ASN A 537 -24.17 18.94 -10.21
CA ASN A 537 -25.36 18.24 -10.68
C ASN A 537 -25.70 18.55 -12.12
N ARG A 538 -25.23 19.66 -12.67
CA ARG A 538 -25.53 20.00 -14.05
C ARG A 538 -24.76 19.11 -15.02
N ARG A 539 -23.60 18.72 -14.72
CA ARG A 539 -22.86 17.91 -15.58
C ARG A 539 -22.88 16.49 -15.23
N ALA A 540 -23.14 16.12 -14.04
CA ALA A 540 -23.29 14.70 -13.75
C ALA A 540 -24.54 14.10 -14.36
N ALA A 541 -25.54 14.92 -14.67
CA ALA A 541 -26.69 14.45 -15.42
C ALA A 541 -26.41 14.36 -16.90
N PHE A 542 -25.35 15.00 -17.37
CA PHE A 542 -24.91 14.92 -18.75
C PHE A 542 -23.92 13.80 -18.99
N ALA A 543 -23.10 13.48 -17.99
CA ALA A 543 -22.18 12.37 -18.12
C ALA A 543 -22.89 11.02 -18.02
N ALA A 544 -24.10 10.99 -17.47
CA ALA A 544 -24.86 9.76 -17.35
C ALA A 544 -25.96 9.65 -18.39
N ALA A 545 -26.11 10.66 -19.24
CA ALA A 545 -27.01 10.57 -20.38
C ALA A 545 -26.28 10.26 -21.67
N MET A 546 -25.00 10.60 -21.77
CA MET A 546 -24.21 10.14 -22.89
C MET A 546 -23.95 8.64 -22.80
N ARG A 547 -23.83 8.12 -21.59
CA ARG A 547 -23.42 6.74 -21.40
C ARG A 547 -24.58 5.76 -21.50
N PHE A 548 -25.70 6.06 -20.87
CA PHE A 548 -26.80 5.11 -20.80
C PHE A 548 -27.92 5.38 -21.79
N VAL A 549 -27.86 6.45 -22.57
CA VAL A 549 -28.90 6.78 -23.54
C VAL A 549 -28.33 6.94 -24.94
N VAL A 550 -27.32 7.80 -25.11
CA VAL A 550 -26.76 8.03 -26.44
C VAL A 550 -25.88 6.86 -26.87
N GLY A 551 -25.24 6.17 -25.94
CA GLY A 551 -24.50 4.97 -26.22
C GLY A 551 -25.30 3.83 -26.80
N PRO A 552 -26.36 3.38 -26.12
CA PRO A 552 -27.19 2.31 -26.68
C PRO A 552 -28.17 2.75 -27.74
N ALA A 553 -28.24 4.02 -28.12
CA ALA A 553 -29.08 4.40 -29.24
C ALA A 553 -28.31 4.54 -30.53
N VAL A 554 -27.01 4.81 -30.47
CA VAL A 554 -26.19 4.82 -31.68
C VAL A 554 -25.67 3.43 -31.98
N MET A 555 -25.93 2.45 -31.12
CA MET A 555 -25.62 1.07 -31.46
C MET A 555 -26.87 0.28 -31.84
N LEU A 556 -28.06 0.81 -31.57
CA LEU A 556 -29.25 0.20 -32.17
C LEU A 556 -29.27 0.47 -33.68
N VAL A 557 -28.78 1.63 -34.09
CA VAL A 557 -28.69 1.96 -35.51
C VAL A 557 -27.58 1.16 -36.18
N ALA A 558 -26.44 1.02 -35.52
CA ALA A 558 -25.30 0.34 -36.13
C ALA A 558 -25.50 -1.17 -36.20
N SER A 559 -26.20 -1.74 -35.23
CA SER A 559 -26.39 -3.19 -35.20
C SER A 559 -27.59 -3.64 -36.01
N TYR A 560 -28.44 -2.73 -36.43
CA TYR A 560 -29.53 -3.10 -37.31
C TYR A 560 -29.15 -2.97 -38.77
N ALA A 561 -28.21 -2.08 -39.10
CA ALA A 561 -27.75 -1.93 -40.47
C ALA A 561 -26.86 -3.08 -40.92
N VAL A 562 -26.07 -3.64 -40.01
CA VAL A 562 -25.22 -4.76 -40.36
C VAL A 562 -26.06 -6.01 -40.54
N GLY A 563 -27.05 -6.23 -39.69
CA GLY A 563 -27.96 -7.33 -39.90
C GLY A 563 -28.08 -8.30 -38.74
N LEU A 564 -27.75 -7.84 -37.53
CA LEU A 564 -27.92 -8.67 -36.35
C LEU A 564 -29.39 -8.69 -35.96
N ARG A 565 -29.89 -9.84 -35.57
CA ARG A 565 -31.26 -9.96 -35.12
C ARG A 565 -31.34 -10.98 -34.05
N GLY A 566 -32.42 -11.03 -33.32
CA GLY A 566 -32.61 -12.03 -32.30
C GLY A 566 -31.86 -11.80 -31.01
N VAL A 567 -31.00 -12.74 -30.65
CA VAL A 567 -30.32 -12.68 -29.36
C VAL A 567 -29.02 -11.90 -29.46
N LEU A 568 -28.34 -11.91 -30.61
CA LEU A 568 -27.14 -11.10 -30.75
C LEU A 568 -27.46 -9.61 -30.78
N LEU A 569 -28.66 -9.23 -31.18
CA LEU A 569 -29.05 -7.84 -31.06
C LEU A 569 -29.28 -7.47 -29.60
N HIS A 570 -29.68 -8.44 -28.78
CA HIS A 570 -29.93 -8.13 -27.38
C HIS A 570 -28.64 -8.10 -26.57
N VAL A 571 -27.61 -8.84 -26.99
CA VAL A 571 -26.31 -8.75 -26.33
C VAL A 571 -25.65 -7.43 -26.65
N ALA A 572 -25.79 -6.97 -27.89
CA ALA A 572 -25.06 -5.79 -28.36
C ALA A 572 -25.64 -4.50 -27.82
N ILE A 573 -26.85 -4.35 -27.41
CA ILE A 573 -27.48 -3.17 -26.77
C ILE A 573 -27.36 -3.17 -25.27
N ILE A 574 -26.78 -4.13 -24.63
CA ILE A 574 -26.71 -4.28 -23.19
C ILE A 574 -25.30 -4.20 -22.90
N GLN A 575 -24.35 -4.49 -23.77
CA GLN A 575 -22.97 -4.21 -23.58
C GLN A 575 -22.70 -2.76 -23.86
N ALA A 576 -23.55 -1.97 -24.45
CA ALA A 576 -23.25 -0.57 -24.62
C ALA A 576 -23.72 0.27 -23.45
N ALA A 577 -24.57 -0.28 -22.59
CA ALA A 577 -25.08 0.42 -21.42
C ALA A 577 -24.34 0.03 -20.15
N LEU A 578 -23.16 -0.56 -20.26
CA LEU A 578 -22.31 -0.80 -19.12
C LEU A 578 -21.75 0.53 -18.63
N PRO A 579 -21.31 0.63 -17.37
CA PRO A 579 -20.71 1.89 -16.90
C PRO A 579 -19.37 2.23 -17.51
N GLN A 580 -18.83 3.39 -17.14
CA GLN A 580 -17.65 3.93 -17.79
C GLN A 580 -16.41 3.13 -17.42
N GLY A 581 -15.55 2.91 -18.42
CA GLY A 581 -14.34 2.16 -18.18
C GLY A 581 -13.33 2.93 -17.36
N ILE A 582 -12.29 2.28 -17.00
CA ILE A 582 -11.31 2.79 -16.08
C ILE A 582 -10.18 3.31 -16.75
N VAL A 583 -9.83 2.79 -17.84
CA VAL A 583 -8.65 3.20 -18.61
C VAL A 583 -8.80 4.60 -19.18
N PRO A 584 -9.95 5.04 -19.74
CA PRO A 584 -10.07 6.48 -20.06
C PRO A 584 -10.00 7.42 -18.86
N PHE A 585 -10.24 6.92 -17.66
CA PHE A 585 -10.08 7.74 -16.47
C PHE A 585 -8.62 7.94 -16.10
N VAL A 586 -7.75 7.01 -16.49
CA VAL A 586 -6.33 7.18 -16.23
C VAL A 586 -5.72 8.21 -17.18
N PHE A 587 -6.18 8.24 -18.44
CA PHE A 587 -5.67 9.21 -19.40
C PHE A 587 -6.11 10.61 -19.05
N ALA A 588 -7.34 10.80 -18.58
CA ALA A 588 -7.80 12.16 -18.30
C ALA A 588 -7.20 12.70 -17.01
N LYS A 589 -6.70 11.85 -16.14
CA LYS A 589 -6.03 12.32 -14.94
C LYS A 589 -4.61 12.76 -15.22
N GLU A 590 -3.90 12.07 -16.11
CA GLU A 590 -2.53 12.42 -16.46
C GLU A 590 -2.46 13.70 -17.27
N TYR A 591 -3.24 13.78 -18.27
CA TYR A 591 -3.14 14.83 -19.11
C TYR A 591 -4.05 15.96 -18.78
N ASN A 592 -4.82 15.94 -17.70
CA ASN A 592 -5.81 16.94 -17.26
C ASN A 592 -6.71 17.43 -18.31
N VAL A 593 -7.72 16.67 -18.69
CA VAL A 593 -8.65 17.05 -19.67
C VAL A 593 -9.86 16.52 -19.01
N HIS A 594 -10.60 17.32 -18.30
CA HIS A 594 -11.82 17.01 -17.61
C HIS A 594 -11.65 15.91 -16.64
N PRO A 595 -10.78 16.04 -15.68
CA PRO A 595 -10.57 14.87 -14.83
C PRO A 595 -11.68 14.61 -13.85
N ASP A 596 -12.73 15.43 -13.82
CA ASP A 596 -13.83 15.29 -12.88
C ASP A 596 -15.08 14.72 -13.53
N ILE A 597 -15.34 15.05 -14.79
CA ILE A 597 -16.47 14.44 -15.48
C ILE A 597 -16.19 12.97 -15.74
N LEU A 598 -14.94 12.61 -15.98
CA LEU A 598 -14.59 11.20 -16.07
C LEU A 598 -14.32 10.57 -14.72
N SER A 599 -14.38 11.33 -13.63
CA SER A 599 -14.28 10.75 -12.30
C SER A 599 -15.64 10.40 -11.72
N THR A 600 -16.64 11.23 -11.97
CA THR A 600 -18.01 10.95 -11.54
C THR A 600 -18.78 10.09 -12.53
N ALA A 601 -18.12 9.59 -13.58
CA ALA A 601 -18.77 8.63 -14.44
C ALA A 601 -18.31 7.21 -14.18
N VAL A 602 -17.10 7.04 -13.65
CA VAL A 602 -16.64 5.73 -13.22
C VAL A 602 -17.27 5.36 -11.88
N ILE A 603 -17.27 6.30 -10.94
CA ILE A 603 -17.75 6.02 -9.58
C ILE A 603 -19.27 5.99 -9.54
N PHE A 604 -19.91 7.10 -9.91
CA PHE A 604 -21.36 7.19 -9.87
C PHE A 604 -22.02 6.33 -10.95
N GLY A 605 -21.27 5.93 -11.98
CA GLY A 605 -21.79 5.00 -12.96
C GLY A 605 -21.85 3.57 -12.45
N MET A 606 -20.94 3.17 -11.57
CA MET A 606 -21.02 1.81 -11.00
C MET A 606 -22.22 1.64 -10.10
N LEU A 607 -22.65 2.71 -9.43
CA LEU A 607 -23.70 2.57 -8.44
C LEU A 607 -25.07 2.44 -9.09
N ILE A 608 -25.30 3.13 -10.20
CA ILE A 608 -26.55 3.12 -10.92
C ILE A 608 -26.62 2.35 -12.15
N ALA A 609 -25.72 1.46 -12.40
CA ALA A 609 -25.63 0.71 -13.61
C ALA A 609 -26.35 -0.46 -13.56
N LEU A 610 -26.56 -1.10 -12.45
CA LEU A 610 -27.48 -2.24 -12.37
C LEU A 610 -28.94 -1.99 -12.50
N PRO A 611 -29.56 -1.03 -11.83
CA PRO A 611 -30.94 -0.85 -12.10
C PRO A 611 -31.17 -0.45 -13.44
N ILE A 612 -30.26 -0.24 -14.40
CA ILE A 612 -30.36 0.33 -15.75
C ILE A 612 -30.00 -0.72 -16.71
N THR A 613 -29.10 -1.63 -16.44
CA THR A 613 -28.92 -2.81 -17.27
C THR A 613 -29.93 -3.90 -16.94
N LEU A 614 -30.55 -3.86 -15.77
CA LEU A 614 -31.71 -4.72 -15.54
C LEU A 614 -32.97 -4.17 -16.15
N LEU A 615 -33.05 -2.87 -16.43
CA LEU A 615 -34.26 -2.38 -17.07
C LEU A 615 -34.25 -2.66 -18.56
N TYR A 616 -33.08 -2.70 -19.19
CA TYR A 616 -33.02 -3.15 -20.58
C TYR A 616 -33.25 -4.64 -20.69
N TYR A 617 -32.94 -5.46 -19.74
CA TYR A 617 -33.10 -6.85 -19.95
C TYR A 617 -34.49 -7.33 -19.70
N ILE A 618 -35.36 -6.55 -19.09
CA ILE A 618 -36.66 -6.93 -18.75
C ILE A 618 -37.47 -6.32 -19.76
N LEU A 619 -36.97 -5.42 -20.54
CA LEU A 619 -37.70 -4.82 -21.63
C LEU A 619 -37.34 -5.35 -23.01
N LEU A 620 -36.16 -5.84 -23.28
CA LEU A 620 -35.76 -6.52 -24.51
C LEU A 620 -36.32 -7.92 -24.58
N GLY A 621 -36.31 -8.66 -23.47
CA GLY A 621 -36.97 -9.95 -23.42
C GLY A 621 -38.40 -9.83 -22.96
N LEU A 622 -39.16 -8.94 -23.58
CA LEU A 622 -40.54 -8.71 -23.22
C LEU A 622 -41.41 -9.51 -24.19
N SER B 3 8.59 -5.89 56.52
CA SER B 3 7.45 -5.26 55.87
C SER B 3 6.60 -4.50 56.88
N SER B 4 6.07 -5.22 57.87
CA SER B 4 5.38 -4.67 59.04
C SER B 4 4.15 -3.84 58.68
N GLN B 5 3.49 -4.20 57.57
CA GLN B 5 2.21 -3.64 57.13
C GLN B 5 2.31 -2.12 56.93
N VAL B 6 3.01 -1.77 55.84
CA VAL B 6 3.27 -0.40 55.36
C VAL B 6 2.02 0.48 55.44
N GLN B 7 2.16 1.65 56.06
CA GLN B 7 1.03 2.41 56.57
C GLN B 7 1.14 3.88 56.17
N LEU B 8 0.01 4.47 55.82
CA LEU B 8 -0.11 5.91 55.58
C LEU B 8 -1.16 6.47 56.53
N VAL B 9 -0.84 7.57 57.20
CA VAL B 9 -1.78 8.28 58.06
C VAL B 9 -1.79 9.75 57.68
N GLU B 10 -2.99 10.34 57.70
CA GLU B 10 -3.20 11.71 57.25
C GLU B 10 -4.07 12.43 58.27
N SER B 11 -3.74 13.69 58.55
CA SER B 11 -4.46 14.44 59.57
C SER B 11 -4.46 15.91 59.21
N GLY B 12 -5.41 16.65 59.79
CA GLY B 12 -5.53 18.07 59.57
C GLY B 12 -6.85 18.53 58.98
N GLY B 13 -7.86 17.67 58.88
CA GLY B 13 -9.13 18.07 58.30
C GLY B 13 -10.04 18.77 59.30
N GLY B 14 -10.91 19.61 58.78
CA GLY B 14 -11.85 20.32 59.62
C GLY B 14 -12.66 21.30 58.82
N LEU B 15 -13.72 21.80 59.46
CA LEU B 15 -14.59 22.83 58.87
C LEU B 15 -14.15 24.18 59.43
N VAL B 16 -13.63 25.03 58.55
CA VAL B 16 -13.13 26.34 58.96
C VAL B 16 -13.81 27.44 58.16
N GLN B 17 -13.40 28.69 58.42
CA GLN B 17 -13.95 29.85 57.75
C GLN B 17 -13.05 30.22 56.57
N ALA B 18 -13.67 30.75 55.51
CA ALA B 18 -12.93 31.15 54.32
C ALA B 18 -12.00 32.32 54.63
N GLY B 19 -10.72 32.15 54.28
CA GLY B 19 -9.73 33.16 54.55
C GLY B 19 -8.92 32.87 55.80
N GLY B 20 -8.43 31.64 55.94
CA GLY B 20 -7.64 31.23 57.08
C GLY B 20 -6.40 30.48 56.64
N SER B 21 -6.01 29.51 57.46
CA SER B 21 -4.83 28.70 57.19
C SER B 21 -5.01 27.34 57.83
N LEU B 22 -4.66 26.29 57.07
CA LEU B 22 -4.75 24.92 57.53
C LEU B 22 -3.39 24.25 57.39
N ARG B 23 -3.24 23.09 58.04
CA ARG B 23 -1.95 22.41 58.13
C ARG B 23 -2.20 20.91 58.01
N LEU B 24 -2.00 20.36 56.82
CA LEU B 24 -2.15 18.94 56.56
C LEU B 24 -0.83 18.22 56.79
N SER B 25 -0.90 16.90 56.81
CA SER B 25 0.30 16.10 57.05
C SER B 25 0.18 14.77 56.32
N CYS B 26 1.34 14.14 56.12
CA CYS B 26 1.44 12.85 55.45
C CYS B 26 2.63 12.12 56.06
N ALA B 27 2.34 11.28 57.05
CA ALA B 27 3.37 10.61 57.85
C ALA B 27 3.57 9.20 57.31
N ALA B 28 4.53 9.04 56.42
CA ALA B 28 4.84 7.73 55.85
C ALA B 28 5.66 6.92 56.85
N SER B 29 5.49 5.59 56.80
CA SER B 29 6.19 4.71 57.71
C SER B 29 6.31 3.32 57.09
N GLY B 30 7.38 2.62 57.46
CA GLY B 30 7.55 1.22 57.11
C GLY B 30 7.76 0.95 55.63
N PHE B 31 8.87 1.41 55.09
CA PHE B 31 9.16 1.37 53.66
C PHE B 31 10.54 0.82 53.40
N PRO B 32 10.85 0.52 52.13
CA PRO B 32 12.24 0.55 51.66
C PRO B 32 12.78 1.96 51.50
N VAL B 33 13.92 2.09 50.82
CA VAL B 33 14.53 3.40 50.60
C VAL B 33 13.58 4.29 49.81
N ASN B 34 13.11 5.35 50.44
CA ASN B 34 12.04 6.20 49.93
C ASN B 34 12.63 7.34 49.12
N ILE B 35 12.22 7.46 47.86
CA ILE B 35 12.61 8.58 47.03
C ILE B 35 11.51 9.64 47.13
N SER B 36 11.93 10.89 47.12
CA SER B 36 11.01 12.00 47.36
C SER B 36 10.38 12.41 46.04
N TRP B 37 9.10 12.06 45.87
CA TRP B 37 8.25 12.58 44.81
C TRP B 37 6.87 12.86 45.40
N MET B 38 6.81 13.25 46.68
CA MET B 38 5.54 13.30 47.39
C MET B 38 4.67 14.43 46.87
N GLU B 39 3.38 14.15 46.73
CA GLU B 39 2.45 15.03 46.04
C GLU B 39 1.23 15.26 46.91
N TRP B 40 0.33 16.09 46.41
CA TRP B 40 -0.99 16.33 46.96
C TRP B 40 -1.89 16.67 45.77
N TYR B 41 -3.12 16.19 45.80
CA TYR B 41 -4.06 16.60 44.76
C TYR B 41 -5.49 16.59 45.28
N ARG B 42 -6.34 17.30 44.54
CA ARG B 42 -7.71 17.56 44.94
C ARG B 42 -8.66 16.58 44.26
N GLN B 43 -9.81 16.38 44.89
CA GLN B 43 -10.85 15.52 44.33
C GLN B 43 -12.19 16.08 44.76
N VAL B 44 -12.92 16.64 43.81
CA VAL B 44 -14.32 17.02 43.99
C VAL B 44 -15.15 15.76 43.75
N PRO B 45 -16.44 15.73 44.06
CA PRO B 45 -17.27 14.60 43.61
C PRO B 45 -17.38 14.49 42.09
N GLY B 46 -17.16 15.57 41.35
CA GLY B 46 -17.05 15.49 39.91
C GLY B 46 -15.70 14.94 39.48
N LYS B 47 -15.56 14.78 38.15
CA LYS B 47 -14.38 14.15 37.58
C LYS B 47 -13.32 15.21 37.27
N GLU B 48 -12.28 14.80 36.54
CA GLU B 48 -11.22 15.64 35.97
C GLU B 48 -10.45 16.38 37.08
N ARG B 49 -9.76 15.60 37.89
CA ARG B 49 -9.01 16.13 39.01
C ARG B 49 -7.70 16.75 38.54
N GLU B 50 -7.05 17.47 39.46
CA GLU B 50 -5.81 18.18 39.13
C GLU B 50 -4.85 18.13 40.32
N TRP B 51 -3.57 18.27 40.01
CA TRP B 51 -2.49 18.12 40.97
C TRP B 51 -2.11 19.47 41.57
N VAL B 52 -1.53 19.44 42.77
CA VAL B 52 -1.34 20.67 43.54
C VAL B 52 0.14 20.97 43.78
N ALA B 53 0.84 20.10 44.51
CA ALA B 53 2.17 20.44 45.02
C ALA B 53 3.15 19.31 44.72
N ALA B 54 4.42 19.55 45.06
CA ALA B 54 5.49 18.60 44.85
C ALA B 54 6.66 18.99 45.74
N ILE B 55 7.26 18.01 46.41
CA ILE B 55 8.42 18.21 47.28
C ILE B 55 9.52 17.29 46.75
N GLN B 56 9.63 17.25 45.42
CA GLN B 56 10.40 16.26 44.69
C GLN B 56 11.91 16.44 44.92
N SER B 57 12.70 15.68 44.16
CA SER B 57 13.98 15.04 44.53
C SER B 57 14.87 15.77 45.53
N THR B 58 15.19 17.04 45.27
CA THR B 58 16.01 17.81 46.20
C THR B 58 15.49 19.23 46.42
N GLY B 59 14.22 19.48 46.10
CA GLY B 59 13.66 20.80 46.29
C GLY B 59 14.10 21.82 45.27
N SER B 60 14.60 21.39 44.11
CA SER B 60 15.04 22.34 43.09
C SER B 60 13.85 22.97 42.38
N TYR B 61 12.86 22.16 42.00
CA TYR B 61 11.65 22.67 41.37
C TYR B 61 10.44 22.01 42.01
N THR B 62 9.48 22.83 42.40
CA THR B 62 8.23 22.38 43.02
C THR B 62 7.09 22.81 42.11
N TRP B 63 6.59 21.88 41.31
CA TRP B 63 5.56 22.18 40.32
C TRP B 63 4.23 22.47 41.00
N TYR B 64 3.89 23.74 41.13
CA TYR B 64 2.61 24.12 41.69
C TYR B 64 1.55 24.20 40.59
N ALA B 65 0.30 24.31 41.01
CA ALA B 65 -0.78 24.49 40.05
C ALA B 65 -0.80 25.94 39.56
N ASP B 66 -1.56 26.16 38.49
CA ASP B 66 -1.61 27.49 37.87
C ASP B 66 -2.41 28.49 38.70
N SER B 67 -3.26 28.03 39.61
CA SER B 67 -4.12 28.92 40.37
C SER B 67 -3.60 29.23 41.77
N VAL B 68 -2.64 28.46 42.26
CA VAL B 68 -2.13 28.63 43.62
C VAL B 68 -0.62 28.90 43.59
N LYS B 69 -0.18 29.61 42.55
CA LYS B 69 1.24 29.93 42.38
C LYS B 69 1.74 30.83 43.51
N GLY B 70 2.76 30.36 44.23
CA GLY B 70 3.43 31.17 45.23
C GLY B 70 2.62 31.47 46.47
N ARG B 71 1.79 30.53 46.92
CA ARG B 71 1.03 30.74 48.14
C ARG B 71 0.95 29.54 49.07
N PHE B 72 1.52 28.39 48.72
CA PHE B 72 1.46 27.20 49.56
C PHE B 72 2.87 26.81 49.98
N THR B 73 3.07 26.66 51.29
CA THR B 73 4.35 26.28 51.87
C THR B 73 4.38 24.77 52.08
N ILE B 74 5.40 24.11 51.54
CA ILE B 74 5.54 22.67 51.60
C ILE B 74 6.89 22.35 52.22
N SER B 75 6.86 21.69 53.37
CA SER B 75 8.07 21.37 54.11
C SER B 75 8.62 20.01 53.70
N ARG B 76 9.71 19.62 54.33
CA ARG B 76 10.32 18.31 54.14
C ARG B 76 11.20 18.01 55.34
N ASP B 77 11.16 16.76 55.80
CA ASP B 77 12.06 16.29 56.86
C ASP B 77 12.34 14.82 56.56
N ASN B 78 13.52 14.54 56.00
CA ASN B 78 13.83 13.20 55.51
C ASN B 78 14.01 12.20 56.64
N ALA B 79 14.51 12.64 57.79
CA ALA B 79 14.65 11.74 58.93
C ALA B 79 13.31 11.43 59.58
N LYS B 80 12.43 12.44 59.67
CA LYS B 80 11.10 12.24 60.20
C LYS B 80 10.16 11.61 59.19
N ASN B 81 10.46 11.79 57.89
CA ASN B 81 9.72 11.20 56.76
C ASN B 81 8.26 11.62 56.77
N THR B 82 8.04 12.93 56.84
CA THR B 82 6.69 13.49 56.92
C THR B 82 6.73 14.88 56.31
N VAL B 83 5.81 15.17 55.39
CA VAL B 83 5.72 16.48 54.76
C VAL B 83 4.44 17.16 55.19
N TYR B 84 4.43 18.49 55.10
CA TYR B 84 3.30 19.30 55.50
C TYR B 84 2.86 20.19 54.35
N LEU B 85 1.54 20.33 54.19
CA LEU B 85 0.95 21.20 53.18
C LEU B 85 0.25 22.34 53.91
N GLN B 86 0.87 23.51 53.90
CA GLN B 86 0.37 24.68 54.62
C GLN B 86 -0.36 25.60 53.64
N MET B 87 -1.68 25.69 53.79
CA MET B 87 -2.49 26.60 52.98
C MET B 87 -2.54 27.98 53.63
N ASN B 88 -2.73 29.00 52.80
CA ASN B 88 -2.82 30.37 53.27
C ASN B 88 -3.89 31.09 52.47
N SER B 89 -4.67 31.93 53.17
CA SER B 89 -5.76 32.74 52.61
C SER B 89 -6.79 31.86 51.88
N LEU B 90 -7.47 31.05 52.69
CA LEU B 90 -8.38 30.00 52.23
C LEU B 90 -9.55 30.53 51.40
N LYS B 91 -9.54 30.23 50.11
CA LYS B 91 -10.66 30.55 49.25
C LYS B 91 -11.80 29.55 49.52
N PRO B 92 -13.05 29.96 49.27
CA PRO B 92 -14.18 29.04 49.54
C PRO B 92 -14.25 27.82 48.63
N GLU B 93 -13.56 27.82 47.49
CA GLU B 93 -13.65 26.69 46.55
C GLU B 93 -12.60 25.62 46.84
N ASP B 94 -12.49 25.24 48.11
CA ASP B 94 -11.48 24.31 48.59
C ASP B 94 -12.11 23.23 49.44
N THR B 95 -13.24 22.68 48.98
CA THR B 95 -13.94 21.62 49.68
C THR B 95 -13.68 20.26 49.06
N ALA B 96 -12.55 20.09 48.37
CA ALA B 96 -12.22 18.84 47.70
C ALA B 96 -11.60 17.85 48.68
N VAL B 97 -10.98 16.79 48.17
CA VAL B 97 -10.38 15.75 48.99
C VAL B 97 -8.88 15.75 48.69
N TYR B 98 -8.07 15.99 49.73
CA TYR B 98 -6.61 16.12 49.59
C TYR B 98 -5.92 14.91 50.21
N TYR B 99 -5.10 14.22 49.44
CA TYR B 99 -4.39 13.06 49.96
C TYR B 99 -3.11 12.80 49.18
N CYS B 100 -2.07 12.37 49.90
CA CYS B 100 -0.71 12.35 49.42
C CYS B 100 -0.40 11.07 48.64
N ARG B 101 0.64 11.15 47.80
CA ARG B 101 0.91 10.19 46.73
C ARG B 101 2.40 9.85 46.67
N VAL B 102 2.96 9.39 47.80
CA VAL B 102 4.39 9.12 47.90
C VAL B 102 4.83 8.01 46.94
N LYS B 103 5.97 8.21 46.27
CA LYS B 103 6.48 7.31 45.24
C LYS B 103 7.64 6.48 45.79
N VAL B 104 7.50 5.15 45.76
CA VAL B 104 8.60 4.25 46.06
C VAL B 104 8.74 3.38 44.80
N GLY B 105 8.50 4.00 43.65
CA GLY B 105 8.55 3.28 42.38
C GLY B 105 7.16 3.08 41.83
N ALA B 106 6.24 2.73 42.71
CA ALA B 106 4.81 2.75 42.42
C ALA B 106 4.14 3.67 43.41
N TYR B 107 3.23 4.49 42.90
CA TYR B 107 2.59 5.53 43.70
C TYR B 107 1.68 4.91 44.74
N TYR B 108 1.95 5.16 46.01
CA TYR B 108 1.06 4.70 47.07
C TYR B 108 0.22 5.86 47.57
N ARG B 109 -0.99 5.57 48.05
CA ARG B 109 -1.82 6.63 48.60
C ARG B 109 -2.79 6.07 49.62
N GLY B 110 -3.45 7.00 50.32
CA GLY B 110 -4.54 6.67 51.21
C GLY B 110 -5.79 7.43 50.80
N GLN B 111 -6.73 7.64 51.74
CA GLN B 111 -7.94 8.39 51.41
C GLN B 111 -8.39 9.38 52.47
N GLY B 112 -7.86 9.31 53.69
CA GLY B 112 -8.49 9.89 54.87
C GLY B 112 -8.28 11.35 55.20
N THR B 113 -9.01 12.26 54.54
CA THR B 113 -8.97 13.67 54.93
C THR B 113 -10.40 14.20 55.08
N GLN B 114 -10.50 15.41 55.62
CA GLN B 114 -11.76 16.12 55.80
C GLN B 114 -11.62 17.58 55.35
N VAL B 115 -11.13 17.78 54.13
CA VAL B 115 -10.88 19.12 53.62
C VAL B 115 -12.21 19.77 53.25
N THR B 116 -12.61 20.80 53.99
CA THR B 116 -13.76 21.61 53.66
C THR B 116 -13.58 23.00 54.25
N VAL B 117 -14.31 23.96 53.67
CA VAL B 117 -14.21 25.36 54.08
C VAL B 117 -15.53 26.02 53.73
N SER B 118 -15.88 27.07 54.48
CA SER B 118 -17.10 27.81 54.21
C SER B 118 -16.84 28.89 53.16
N SER C 3 7.68 38.18 -42.35
CA SER C 3 8.65 37.24 -41.81
C SER C 3 10.05 37.53 -42.35
N SER C 4 10.19 37.46 -43.68
CA SER C 4 11.38 37.88 -44.43
C SER C 4 12.64 37.12 -44.04
N GLN C 5 12.47 35.85 -43.62
CA GLN C 5 13.55 34.92 -43.33
C GLN C 5 14.49 35.46 -42.24
N VAL C 6 13.95 35.45 -41.01
CA VAL C 6 14.60 35.86 -39.76
C VAL C 6 16.05 35.37 -39.65
N GLN C 7 16.96 36.30 -39.37
CA GLN C 7 18.38 36.10 -39.63
C GLN C 7 19.21 36.51 -38.43
N LEU C 8 20.25 35.73 -38.14
CA LEU C 8 21.26 36.06 -37.14
C LEU C 8 22.62 36.10 -37.83
N VAL C 9 23.39 37.15 -37.57
CA VAL C 9 24.76 37.27 -38.06
C VAL C 9 25.67 37.60 -36.90
N GLU C 10 26.87 37.01 -36.90
CA GLU C 10 27.82 37.12 -35.82
C GLU C 10 29.20 37.39 -36.40
N SER C 11 29.96 38.27 -35.77
CA SER C 11 31.27 38.66 -36.28
C SER C 11 32.18 39.01 -35.12
N GLY C 12 33.49 38.97 -35.41
CA GLY C 12 34.50 39.31 -34.42
C GLY C 12 35.48 38.20 -34.10
N GLY C 13 35.50 37.10 -34.85
CA GLY C 13 36.42 36.02 -34.55
C GLY C 13 37.79 36.25 -35.14
N GLY C 14 38.80 35.64 -34.51
CA GLY C 14 40.16 35.76 -34.99
C GLY C 14 41.13 35.09 -34.04
N LEU C 15 42.34 34.91 -34.53
CA LEU C 15 43.45 34.34 -33.74
C LEU C 15 44.28 35.51 -33.21
N VAL C 16 44.27 35.69 -31.89
CA VAL C 16 44.99 36.80 -31.26
C VAL C 16 45.96 36.27 -30.21
N GLN C 17 46.64 37.19 -29.55
CA GLN C 17 47.61 36.86 -28.50
C GLN C 17 46.92 36.94 -27.14
N ALA C 18 47.36 36.08 -26.22
CA ALA C 18 46.81 36.05 -24.87
C ALA C 18 47.11 37.34 -24.13
N GLY C 19 46.08 37.97 -23.59
CA GLY C 19 46.23 39.22 -22.90
C GLY C 19 45.89 40.42 -23.75
N GLY C 20 44.76 40.37 -24.45
CA GLY C 20 44.32 41.46 -25.31
C GLY C 20 42.85 41.77 -25.07
N SER C 21 42.18 42.16 -26.15
CA SER C 21 40.77 42.52 -26.08
C SER C 21 40.12 42.24 -27.43
N LEU C 22 38.93 41.65 -27.39
CA LEU C 22 38.16 41.32 -28.58
C LEU C 22 36.78 41.94 -28.47
N ARG C 23 36.07 41.97 -29.60
CA ARG C 23 34.79 42.67 -29.70
C ARG C 23 33.86 41.84 -30.59
N LEU C 24 32.98 41.07 -29.96
CA LEU C 24 32.01 40.25 -30.66
C LEU C 24 30.73 41.04 -30.88
N SER C 25 29.84 40.49 -31.71
CA SER C 25 28.59 41.17 -32.01
C SER C 25 27.51 40.14 -32.29
N CYS C 26 26.26 40.59 -32.18
CA CYS C 26 25.08 39.76 -32.42
C CYS C 26 24.00 40.68 -32.97
N ALA C 27 23.90 40.74 -34.30
CA ALA C 27 23.01 41.68 -34.98
C ALA C 27 21.73 40.96 -35.38
N ALA C 28 20.72 41.04 -34.52
CA ALA C 28 19.43 40.42 -34.79
C ALA C 28 18.64 41.27 -35.77
N SER C 29 17.81 40.61 -36.58
CA SER C 29 17.02 41.31 -37.58
C SER C 29 15.78 40.48 -37.93
N GLY C 30 14.71 41.18 -38.30
CA GLY C 30 13.51 40.55 -38.82
C GLY C 30 12.73 39.72 -37.82
N PHE C 31 12.18 40.37 -36.82
CA PHE C 31 11.53 39.71 -35.69
C PHE C 31 10.17 40.32 -35.41
N PRO C 32 9.37 39.66 -34.56
CA PRO C 32 8.35 40.38 -33.78
C PRO C 32 8.94 41.21 -32.67
N VAL C 33 8.09 41.67 -31.74
CA VAL C 33 8.54 42.47 -30.60
C VAL C 33 9.53 41.68 -29.76
N ASN C 34 10.78 42.14 -29.74
CA ASN C 34 11.90 41.40 -29.17
C ASN C 34 12.07 41.79 -27.71
N ILE C 35 12.03 40.79 -26.83
CA ILE C 35 12.32 41.01 -25.42
C ILE C 35 13.79 40.71 -25.19
N SER C 36 14.39 41.48 -24.30
CA SER C 36 15.83 41.40 -24.09
C SER C 36 16.12 40.34 -23.04
N TRP C 37 16.64 39.20 -23.51
CA TRP C 37 17.24 38.17 -22.66
C TRP C 37 18.50 37.66 -23.33
N MET C 38 19.20 38.52 -24.07
CA MET C 38 20.27 38.06 -24.95
C MET C 38 21.46 37.58 -24.14
N GLU C 39 22.06 36.47 -24.58
CA GLU C 39 23.06 35.76 -23.82
C GLU C 39 24.28 35.50 -24.70
N TRP C 40 25.28 34.89 -24.08
CA TRP C 40 26.47 34.37 -24.74
C TRP C 40 26.92 33.17 -23.92
N TYR C 41 27.39 32.12 -24.60
CA TYR C 41 27.95 31.01 -23.86
C TYR C 41 29.02 30.30 -24.66
N ARG C 42 29.84 29.54 -23.94
CA ARG C 42 31.03 28.90 -24.48
C ARG C 42 30.74 27.46 -24.85
N GLN C 43 31.55 26.94 -25.78
CA GLN C 43 31.43 25.54 -26.18
C GLN C 43 32.83 25.06 -26.57
N VAL C 44 33.39 24.20 -25.75
CA VAL C 44 34.61 23.46 -26.06
C VAL C 44 34.18 22.25 -26.88
N PRO C 45 35.11 21.51 -27.52
CA PRO C 45 34.70 20.22 -28.09
C PRO C 45 34.22 19.20 -27.06
N GLY C 46 34.61 19.33 -25.80
CA GLY C 46 34.03 18.53 -24.74
C GLY C 46 32.66 19.01 -24.35
N LYS C 47 32.04 18.27 -23.43
CA LYS C 47 30.67 18.52 -23.02
C LYS C 47 30.64 19.50 -21.84
N GLU C 48 29.45 19.63 -21.23
CA GLU C 48 29.19 20.38 -20.00
C GLU C 48 29.55 21.86 -20.15
N ARG C 49 28.80 22.52 -21.03
CA ARG C 49 29.04 23.92 -21.32
C ARG C 49 28.48 24.82 -20.22
N GLU C 50 28.84 26.10 -20.26
CA GLU C 50 28.46 27.05 -19.23
C GLU C 50 28.16 28.41 -19.86
N TRP C 51 27.34 29.18 -19.17
CA TRP C 51 26.84 30.47 -19.66
C TRP C 51 27.73 31.61 -19.17
N VAL C 52 27.71 32.71 -19.92
CA VAL C 52 28.67 33.78 -19.70
C VAL C 52 28.02 35.09 -19.26
N ALA C 53 27.19 35.68 -20.12
CA ALA C 53 26.72 37.05 -19.90
C ALA C 53 25.20 37.13 -20.07
N ALA C 54 24.67 38.31 -19.80
CA ALA C 54 23.24 38.58 -19.90
C ALA C 54 23.04 40.09 -19.98
N ILE C 55 22.17 40.52 -20.89
CA ILE C 55 21.83 41.93 -21.08
C ILE C 55 20.32 42.04 -20.91
N GLN C 56 19.80 41.31 -19.91
CA GLN C 56 18.38 41.04 -19.73
C GLN C 56 17.62 42.31 -19.35
N SER C 57 16.33 42.13 -19.01
CA SER C 57 15.18 43.00 -19.28
C SER C 57 15.44 44.50 -19.33
N THR C 58 16.03 45.07 -18.28
CA THR C 58 16.32 46.50 -18.27
C THR C 58 17.72 46.81 -17.73
N GLY C 59 18.62 45.84 -17.72
CA GLY C 59 19.97 46.05 -17.23
C GLY C 59 20.09 46.16 -15.73
N SER C 60 19.10 45.66 -14.98
CA SER C 60 19.17 45.73 -13.53
C SER C 60 20.15 44.71 -12.97
N TYR C 61 20.11 43.48 -13.47
CA TYR C 61 21.05 42.45 -13.05
C TYR C 61 21.56 41.71 -14.27
N THR C 62 22.89 41.58 -14.36
CA THR C 62 23.56 40.90 -15.46
C THR C 62 24.32 39.72 -14.86
N TRP C 63 23.74 38.52 -14.97
CA TRP C 63 24.31 37.33 -14.36
C TRP C 63 25.57 36.91 -15.09
N TYR C 64 26.72 37.23 -14.53
CA TYR C 64 28.00 36.81 -15.10
C TYR C 64 28.39 35.45 -14.53
N ALA C 65 29.39 34.85 -15.16
CA ALA C 65 29.93 33.59 -14.65
C ALA C 65 30.79 33.85 -13.42
N ASP C 66 31.11 32.76 -12.72
CA ASP C 66 31.88 32.87 -11.49
C ASP C 66 33.35 33.19 -11.73
N SER C 67 33.86 32.95 -12.94
CA SER C 67 35.27 33.14 -13.23
C SER C 67 35.58 34.46 -13.92
N VAL C 68 34.58 35.14 -14.47
CA VAL C 68 34.80 36.37 -15.21
C VAL C 68 34.00 37.51 -14.60
N LYS C 69 33.87 37.49 -13.27
CA LYS C 69 33.15 38.51 -12.53
C LYS C 69 33.80 39.88 -12.69
N GLY C 70 33.04 40.84 -13.20
CA GLY C 70 33.48 42.22 -13.26
C GLY C 70 34.60 42.50 -14.25
N ARG C 71 34.61 41.82 -15.39
CA ARG C 71 35.64 42.08 -16.39
C ARG C 71 35.14 42.12 -17.83
N PHE C 72 33.85 41.87 -18.09
CA PHE C 72 33.30 41.85 -19.44
C PHE C 72 32.26 42.96 -19.58
N THR C 73 32.43 43.80 -20.58
CA THR C 73 31.51 44.91 -20.86
C THR C 73 30.51 44.47 -21.91
N ILE C 74 29.22 44.61 -21.60
CA ILE C 74 28.14 44.19 -22.47
C ILE C 74 27.24 45.38 -22.73
N SER C 75 27.15 45.80 -23.98
CA SER C 75 26.38 46.97 -24.36
C SER C 75 24.94 46.57 -24.71
N ARG C 76 24.15 47.57 -25.10
CA ARG C 76 22.79 47.38 -25.56
C ARG C 76 22.39 48.60 -26.38
N ASP C 77 21.68 48.36 -27.47
CA ASP C 77 21.10 49.43 -28.28
C ASP C 77 19.79 48.88 -28.85
N ASN C 78 18.66 49.28 -28.25
CA ASN C 78 17.38 48.69 -28.60
C ASN C 78 16.91 49.09 -30.00
N ALA C 79 17.25 50.31 -30.43
CA ALA C 79 16.88 50.73 -31.78
C ALA C 79 17.72 50.05 -32.84
N LYS C 80 19.03 49.87 -32.57
CA LYS C 80 19.92 49.17 -33.48
C LYS C 80 19.76 47.66 -33.37
N ASN C 81 19.30 47.17 -32.22
CA ASN C 81 19.00 45.75 -31.95
C ASN C 81 20.24 44.88 -32.14
N THR C 82 21.32 45.28 -31.47
CA THR C 82 22.61 44.59 -31.58
C THR C 82 23.38 44.81 -30.30
N VAL C 83 23.87 43.71 -29.70
CA VAL C 83 24.65 43.79 -28.47
C VAL C 83 26.09 43.40 -28.77
N TYR C 84 27.00 43.86 -27.91
CA TYR C 84 28.43 43.62 -28.05
C TYR C 84 28.98 42.97 -26.80
N LEU C 85 29.87 41.99 -26.99
CA LEU C 85 30.56 41.31 -25.88
C LEU C 85 32.03 41.70 -25.95
N GLN C 86 32.45 42.58 -25.05
CA GLN C 86 33.80 43.11 -25.03
C GLN C 86 34.61 42.37 -23.98
N MET C 87 35.57 41.56 -24.42
CA MET C 87 36.48 40.87 -23.52
C MET C 87 37.68 41.75 -23.20
N ASN C 88 38.26 41.52 -22.03
CA ASN C 88 39.43 42.26 -21.57
C ASN C 88 40.38 41.32 -20.85
N SER C 89 41.68 41.50 -21.11
CA SER C 89 42.78 40.72 -20.53
C SER C 89 42.60 39.22 -20.81
N LEU C 90 42.73 38.90 -22.10
CA LEU C 90 42.42 37.59 -22.65
C LEU C 90 43.30 36.47 -22.07
N LYS C 91 42.67 35.60 -21.28
CA LYS C 91 43.36 34.42 -20.79
C LYS C 91 43.48 33.39 -21.92
N PRO C 92 44.49 32.51 -21.86
CA PRO C 92 44.65 31.52 -22.95
C PRO C 92 43.57 30.46 -23.02
N GLU C 93 42.77 30.26 -21.97
CA GLU C 93 41.75 29.21 -21.98
C GLU C 93 40.41 29.71 -22.51
N ASP C 94 40.47 30.39 -23.66
CA ASP C 94 39.32 31.03 -24.27
C ASP C 94 39.23 30.67 -25.75
N THR C 95 39.42 29.39 -26.06
CA THR C 95 39.34 28.89 -27.43
C THR C 95 38.04 28.17 -27.69
N ALA C 96 36.98 28.50 -26.96
CA ALA C 96 35.68 27.86 -27.11
C ALA C 96 34.89 28.48 -28.25
N VAL C 97 33.60 28.21 -28.31
CA VAL C 97 32.73 28.72 -29.37
C VAL C 97 31.68 29.60 -28.71
N TYR C 98 31.64 30.88 -29.10
CA TYR C 98 30.75 31.87 -28.49
C TYR C 98 29.65 32.26 -29.47
N TYR C 99 28.40 32.12 -29.06
CA TYR C 99 27.29 32.47 -29.94
C TYR C 99 26.04 32.82 -29.14
N CYS C 100 25.30 33.82 -29.63
CA CYS C 100 24.25 34.48 -28.87
C CYS C 100 22.92 33.75 -28.96
N ARG C 101 22.06 34.02 -27.99
CA ARG C 101 20.88 33.20 -27.69
C ARG C 101 19.66 34.09 -27.41
N VAL C 102 19.32 34.97 -28.36
CA VAL C 102 18.24 35.93 -28.17
C VAL C 102 16.89 35.24 -27.99
N LYS C 103 16.09 35.74 -27.03
CA LYS C 103 14.81 35.14 -26.66
C LYS C 103 13.65 35.95 -27.23
N VAL C 104 12.80 35.32 -28.04
CA VAL C 104 11.55 35.93 -28.48
C VAL C 104 10.47 34.94 -28.02
N GLY C 105 10.69 34.33 -26.86
CA GLY C 105 9.78 33.34 -26.34
C GLY C 105 10.36 31.95 -26.46
N ALA C 106 10.99 31.69 -27.59
CA ALA C 106 11.81 30.51 -27.79
C ALA C 106 13.20 30.98 -28.16
N TYR C 107 14.21 30.35 -27.57
CA TYR C 107 15.60 30.77 -27.72
C TYR C 107 16.06 30.51 -29.15
N TYR C 108 16.46 31.55 -29.85
CA TYR C 108 17.03 31.37 -31.19
C TYR C 108 18.54 31.53 -31.11
N ARG C 109 19.26 30.84 -32.00
CA ARG C 109 20.71 31.00 -32.02
C ARG C 109 21.26 30.69 -33.40
N GLY C 110 22.55 31.01 -33.57
CA GLY C 110 23.30 30.63 -34.74
C GLY C 110 24.51 29.81 -34.36
N GLN C 111 25.54 29.78 -35.20
CA GLN C 111 26.75 29.03 -34.87
C GLN C 111 28.06 29.72 -35.20
N GLY C 112 28.05 30.79 -35.98
CA GLY C 112 29.22 31.27 -36.70
C GLY C 112 30.22 32.17 -36.01
N THR C 113 31.11 31.62 -35.19
CA THR C 113 32.20 32.42 -34.63
C THR C 113 33.53 31.71 -34.84
N GLN C 114 34.62 32.43 -34.54
CA GLN C 114 35.99 31.92 -34.63
C GLN C 114 36.77 32.32 -33.39
N VAL C 115 36.22 32.02 -32.21
CA VAL C 115 36.84 32.42 -30.95
C VAL C 115 38.04 31.51 -30.68
N THR C 116 39.24 32.08 -30.74
CA THR C 116 40.45 31.37 -30.35
C THR C 116 41.50 32.39 -29.89
N VAL C 117 42.46 31.90 -29.10
CA VAL C 117 43.49 32.76 -28.54
C VAL C 117 44.70 31.88 -28.28
N SER C 118 45.89 32.47 -28.31
CA SER C 118 47.11 31.74 -28.03
C SER C 118 47.38 31.73 -26.53
N MET D 1 6.52 -45.64 -6.15
CA MET D 1 7.46 -44.76 -5.55
C MET D 1 7.89 -43.62 -6.46
N ILE D 2 9.07 -43.07 -6.24
CA ILE D 2 9.54 -41.89 -6.97
C ILE D 2 9.91 -42.08 -8.38
N THR D 3 8.91 -41.89 -9.23
CA THR D 3 9.13 -41.89 -10.64
C THR D 3 9.44 -40.47 -11.05
N ALA D 4 9.76 -40.21 -12.28
CA ALA D 4 9.96 -38.83 -12.62
C ALA D 4 8.68 -38.31 -12.91
N ALA D 5 7.66 -39.10 -12.68
CA ALA D 5 6.38 -38.44 -12.89
C ALA D 5 5.92 -37.69 -11.67
N ASP D 6 6.32 -38.14 -10.49
CA ASP D 6 5.96 -37.47 -9.25
C ASP D 6 6.77 -36.21 -9.04
N PHE D 7 8.01 -36.17 -9.52
CA PHE D 7 8.85 -34.98 -9.40
C PHE D 7 8.29 -33.80 -10.18
N TYR D 8 7.49 -34.06 -11.21
CA TYR D 8 6.84 -32.99 -11.95
C TYR D 8 5.57 -32.52 -11.26
N HIS D 9 4.90 -33.39 -10.51
CA HIS D 9 3.74 -32.93 -9.75
C HIS D 9 4.13 -32.08 -8.56
N VAL D 10 5.32 -32.30 -8.01
CA VAL D 10 5.77 -31.50 -6.87
C VAL D 10 6.18 -30.12 -7.34
N MET D 11 6.84 -30.03 -8.50
CA MET D 11 7.27 -28.75 -9.02
C MET D 11 6.12 -27.91 -9.54
N THR D 12 5.05 -28.54 -10.00
CA THR D 12 3.87 -27.81 -10.46
C THR D 12 3.19 -27.10 -9.30
N ALA D 13 3.33 -27.61 -8.09
CA ALA D 13 2.71 -27.04 -6.90
C ALA D 13 3.56 -25.99 -6.22
N MET D 14 4.87 -26.00 -6.39
CA MET D 14 5.76 -25.15 -5.61
C MET D 14 6.44 -24.05 -6.40
N VAL D 15 6.80 -24.30 -7.66
CA VAL D 15 7.38 -23.24 -8.50
C VAL D 15 6.46 -22.04 -8.68
N PRO D 16 5.12 -22.17 -8.76
CA PRO D 16 4.27 -20.97 -8.66
C PRO D 16 4.39 -20.15 -7.39
N LEU D 17 4.88 -20.70 -6.29
CA LEU D 17 4.96 -19.94 -5.06
C LEU D 17 6.20 -19.07 -5.01
N TYR D 18 7.31 -19.52 -5.58
CA TYR D 18 8.52 -18.74 -5.62
C TYR D 18 8.50 -17.66 -6.69
N VAL D 19 7.70 -17.83 -7.74
CA VAL D 19 7.57 -16.80 -8.76
C VAL D 19 6.87 -15.57 -8.19
N ALA D 20 5.87 -15.77 -7.35
CA ALA D 20 5.19 -14.66 -6.69
C ALA D 20 6.07 -13.95 -5.67
N MET D 21 7.14 -14.56 -5.18
CA MET D 21 7.97 -13.96 -4.13
C MET D 21 9.15 -13.15 -4.66
N ILE D 22 9.76 -13.59 -5.74
CA ILE D 22 10.90 -12.98 -6.35
C ILE D 22 10.52 -11.86 -7.24
N LEU D 23 9.29 -11.65 -7.54
CA LEU D 23 8.86 -10.51 -8.20
C LEU D 23 8.58 -9.55 -7.22
N ALA D 24 8.31 -9.81 -5.96
CA ALA D 24 8.16 -8.81 -4.91
C ALA D 24 9.49 -8.38 -4.35
N TYR D 25 10.43 -9.31 -4.22
CA TYR D 25 11.78 -8.95 -3.82
C TYR D 25 12.47 -8.12 -4.88
N GLY D 26 12.19 -8.41 -6.15
CA GLY D 26 12.80 -7.63 -7.21
C GLY D 26 12.26 -6.23 -7.30
N SER D 27 11.03 -6.02 -7.02
CA SER D 27 10.35 -4.78 -7.09
C SER D 27 10.76 -3.71 -6.22
N VAL D 28 11.34 -3.93 -5.10
CA VAL D 28 11.82 -2.95 -4.15
C VAL D 28 13.34 -2.90 -4.18
N LYS D 29 13.99 -4.05 -4.35
CA LYS D 29 15.46 -4.07 -4.30
C LYS D 29 16.16 -3.74 -5.60
N TRP D 30 15.62 -4.17 -6.74
CA TRP D 30 16.29 -3.97 -7.95
C TRP D 30 15.59 -2.95 -8.73
N TRP D 31 14.26 -2.90 -8.84
CA TRP D 31 13.61 -2.01 -9.78
C TRP D 31 12.84 -0.87 -9.13
N LYS D 32 12.83 -0.73 -7.89
CA LYS D 32 12.19 0.30 -7.15
C LYS D 32 10.89 0.70 -7.57
N ILE D 33 9.94 -0.19 -7.43
CA ILE D 33 8.57 0.17 -7.77
C ILE D 33 7.82 0.67 -6.55
N PHE D 34 8.08 0.09 -5.38
CA PHE D 34 7.32 0.39 -4.17
C PHE D 34 8.17 1.15 -3.15
N THR D 35 7.65 2.29 -2.71
CA THR D 35 8.17 3.00 -1.56
C THR D 35 7.97 2.15 -0.31
N PRO D 36 8.87 2.23 0.67
CA PRO D 36 8.64 1.52 1.96
C PRO D 36 7.38 1.91 2.71
N ASP D 37 6.78 3.07 2.43
CA ASP D 37 5.47 3.37 2.99
C ASP D 37 4.35 2.81 2.14
N GLN D 38 4.65 2.40 0.91
CA GLN D 38 3.65 1.74 0.08
C GLN D 38 3.66 0.23 0.29
N CYS D 39 4.78 -0.34 0.73
CA CYS D 39 4.82 -1.75 1.09
C CYS D 39 4.00 -2.03 2.35
N SER D 40 3.90 -1.04 3.23
CA SER D 40 3.12 -1.17 4.46
C SER D 40 1.63 -1.27 4.22
N GLY D 41 1.13 -0.85 3.05
CA GLY D 41 -0.28 -0.94 2.77
C GLY D 41 -0.65 -2.24 2.10
N ILE D 42 0.34 -2.93 1.54
CA ILE D 42 0.09 -4.24 0.96
C ILE D 42 0.17 -5.32 2.03
N ASN D 43 1.11 -5.18 2.98
CA ASN D 43 1.20 -6.13 4.07
C ASN D 43 0.01 -6.04 5.00
N ARG D 44 -0.61 -4.87 5.10
CA ARG D 44 -1.75 -4.70 5.97
C ARG D 44 -3.05 -5.21 5.33
N PHE D 45 -3.11 -5.24 4.01
CA PHE D 45 -4.25 -5.84 3.34
C PHE D 45 -4.23 -7.36 3.45
N VAL D 46 -3.04 -7.95 3.35
CA VAL D 46 -2.91 -9.40 3.44
C VAL D 46 -3.17 -9.89 4.85
N ALA D 47 -2.71 -9.14 5.84
CA ALA D 47 -2.83 -9.58 7.22
C ALA D 47 -4.24 -9.45 7.77
N LEU D 48 -5.09 -8.61 7.16
CA LEU D 48 -6.42 -8.37 7.70
C LEU D 48 -7.54 -8.92 6.84
N PHE D 49 -7.35 -9.03 5.52
CA PHE D 49 -8.42 -9.42 4.61
C PHE D 49 -8.16 -10.72 3.88
N ALA D 50 -6.96 -10.93 3.35
CA ALA D 50 -6.75 -12.07 2.47
C ALA D 50 -6.54 -13.36 3.25
N VAL D 51 -5.70 -13.33 4.27
CA VAL D 51 -5.35 -14.52 5.05
C VAL D 51 -6.46 -14.94 6.03
N PRO D 52 -7.18 -14.04 6.72
CA PRO D 52 -8.35 -14.53 7.47
C PRO D 52 -9.47 -15.12 6.62
N LEU D 53 -9.64 -14.66 5.39
CA LEU D 53 -10.62 -15.27 4.50
C LEU D 53 -10.12 -16.53 3.82
N LEU D 54 -8.82 -16.75 3.78
CA LEU D 54 -8.29 -17.99 3.23
C LEU D 54 -8.48 -19.14 4.19
N SER D 55 -8.31 -18.92 5.49
CA SER D 55 -8.47 -19.98 6.45
C SER D 55 -9.93 -20.25 6.79
N PHE D 56 -10.83 -19.30 6.58
CA PHE D 56 -12.25 -19.61 6.66
C PHE D 56 -12.67 -20.56 5.55
N HIS D 57 -12.07 -20.44 4.37
CA HIS D 57 -12.39 -21.31 3.24
C HIS D 57 -12.02 -22.76 3.49
N PHE D 58 -10.92 -23.00 4.17
CA PHE D 58 -10.46 -24.34 4.48
C PHE D 58 -11.16 -24.95 5.69
N ILE D 59 -11.40 -24.16 6.74
CA ILE D 59 -11.98 -24.71 7.96
C ILE D 59 -13.46 -25.01 7.77
N ALA D 60 -14.17 -24.18 7.02
CA ALA D 60 -15.60 -24.38 6.84
C ALA D 60 -15.95 -25.48 5.87
N ALA D 61 -14.97 -26.05 5.17
CA ALA D 61 -15.19 -27.22 4.32
C ALA D 61 -14.60 -28.47 4.92
N ASN D 62 -14.18 -28.43 6.17
CA ASN D 62 -13.70 -29.58 6.90
C ASN D 62 -14.88 -30.35 7.49
N ASN D 63 -14.75 -31.66 7.58
CA ASN D 63 -15.78 -32.46 8.21
C ASN D 63 -15.34 -32.78 9.62
N PRO D 64 -15.95 -32.19 10.66
CA PRO D 64 -15.49 -32.44 12.03
C PRO D 64 -15.98 -33.75 12.60
N TYR D 65 -16.84 -34.48 11.90
CA TYR D 65 -17.36 -35.73 12.39
C TYR D 65 -16.60 -36.92 11.82
N ALA D 66 -15.61 -36.67 10.97
CA ALA D 66 -14.80 -37.70 10.36
C ALA D 66 -13.33 -37.30 10.36
N MET D 67 -12.85 -36.80 11.49
CA MET D 67 -11.44 -36.46 11.61
C MET D 67 -10.66 -37.73 11.91
N ASN D 68 -9.37 -37.70 11.59
CA ASN D 68 -8.50 -38.86 11.78
C ASN D 68 -7.85 -38.74 13.15
N LEU D 69 -8.43 -39.42 14.13
CA LEU D 69 -8.06 -39.17 15.53
C LEU D 69 -6.74 -39.82 15.94
N ARG D 70 -6.23 -40.75 15.15
CA ARG D 70 -4.93 -41.32 15.46
C ARG D 70 -3.81 -40.47 14.90
N PHE D 71 -4.00 -39.92 13.71
CA PHE D 71 -3.07 -38.96 13.14
C PHE D 71 -3.01 -37.69 13.95
N LEU D 72 -4.13 -37.27 14.51
CA LEU D 72 -4.24 -35.98 15.16
C LEU D 72 -3.86 -36.05 16.63
N ALA D 73 -3.66 -37.24 17.17
CA ALA D 73 -3.17 -37.42 18.53
C ALA D 73 -1.67 -37.68 18.58
N ALA D 74 -1.04 -37.92 17.44
CA ALA D 74 0.40 -38.00 17.36
C ALA D 74 1.04 -36.65 17.16
N ASP D 75 0.27 -35.66 16.73
CA ASP D 75 0.72 -34.28 16.66
C ASP D 75 0.54 -33.54 17.96
N SER D 76 -0.47 -33.88 18.74
CA SER D 76 -0.60 -33.34 20.09
C SER D 76 0.41 -33.92 21.06
N LEU D 77 0.97 -35.09 20.77
CA LEU D 77 1.98 -35.69 21.62
C LEU D 77 3.37 -35.14 21.34
N GLN D 78 3.61 -34.60 20.15
CA GLN D 78 4.86 -33.92 19.87
C GLN D 78 5.05 -32.71 20.77
N LYS D 79 4.00 -31.89 20.89
CA LYS D 79 4.06 -30.64 21.61
C LYS D 79 3.89 -30.81 23.11
N VAL D 80 3.75 -32.04 23.59
CA VAL D 80 3.86 -32.32 25.01
C VAL D 80 5.26 -32.80 25.39
N ILE D 81 5.90 -33.60 24.55
CA ILE D 81 7.29 -34.01 24.78
C ILE D 81 8.22 -32.82 24.72
N VAL D 82 7.98 -31.89 23.79
CA VAL D 82 8.83 -30.71 23.67
C VAL D 82 8.63 -29.79 24.87
N LEU D 83 7.37 -29.48 25.17
CA LEU D 83 7.06 -28.48 26.17
C LEU D 83 7.32 -28.98 27.59
N SER D 84 7.49 -30.28 27.79
CA SER D 84 7.82 -30.82 29.10
C SER D 84 9.32 -30.95 29.31
N LEU D 85 10.12 -30.96 28.26
CA LEU D 85 11.56 -30.90 28.45
C LEU D 85 12.05 -29.47 28.62
N LEU D 86 11.25 -28.48 28.21
CA LEU D 86 11.56 -27.09 28.48
C LEU D 86 11.09 -26.66 29.87
N PHE D 87 10.29 -27.48 30.54
CA PHE D 87 9.96 -27.23 31.93
C PHE D 87 11.05 -27.74 32.86
N LEU D 88 11.69 -28.86 32.50
CA LEU D 88 12.81 -29.41 33.24
C LEU D 88 14.11 -28.68 32.99
N TRP D 89 14.19 -27.65 32.23
CA TRP D 89 15.42 -26.91 32.07
C TRP D 89 15.16 -25.71 32.90
N CYS D 90 14.09 -24.99 32.69
CA CYS D 90 13.77 -23.86 33.47
C CYS D 90 13.78 -24.12 34.96
N LYS D 91 13.82 -25.34 35.44
CA LYS D 91 13.68 -25.64 36.86
C LYS D 91 14.90 -26.28 37.50
N LEU D 92 15.65 -27.09 36.77
CA LEU D 92 16.88 -27.66 37.32
C LEU D 92 18.06 -26.73 37.15
N SER D 93 18.15 -26.04 36.01
CA SER D 93 19.30 -25.18 35.76
C SER D 93 19.02 -23.75 36.22
N ARG D 94 20.06 -22.94 36.18
CA ARG D 94 19.98 -21.54 36.59
C ARG D 94 20.08 -20.57 35.42
N ASN D 95 20.49 -21.04 34.24
CA ASN D 95 20.57 -20.19 33.08
C ASN D 95 19.37 -20.30 32.16
N GLY D 96 18.38 -21.13 32.49
CA GLY D 96 17.15 -21.16 31.73
C GLY D 96 16.27 -19.98 32.07
N SER D 97 15.68 -19.39 31.05
CA SER D 97 14.82 -18.23 31.20
C SER D 97 13.43 -18.57 30.67
N LEU D 98 12.58 -17.56 30.61
CA LEU D 98 11.28 -17.73 29.98
C LEU D 98 11.25 -17.11 28.60
N ASP D 99 12.19 -16.24 28.27
CA ASP D 99 12.31 -15.77 26.91
C ASP D 99 12.76 -16.88 25.97
N TRP D 100 13.63 -17.76 26.43
CA TRP D 100 14.09 -18.85 25.58
C TRP D 100 13.11 -19.99 25.45
N THR D 101 12.20 -20.17 26.39
CA THR D 101 11.27 -21.26 26.20
C THR D 101 10.09 -20.89 25.32
N ILE D 102 9.91 -19.62 25.02
CA ILE D 102 8.91 -19.26 24.01
C ILE D 102 9.51 -19.35 22.62
N THR D 103 10.80 -19.12 22.50
CA THR D 103 11.46 -19.21 21.21
C THR D 103 11.70 -20.65 20.80
N LEU D 104 12.15 -21.49 21.74
CA LEU D 104 12.46 -22.87 21.38
C LEU D 104 11.20 -23.71 21.19
N PHE D 105 10.02 -23.29 21.49
CA PHE D 105 8.79 -24.01 21.19
C PHE D 105 8.17 -23.60 19.95
N SER D 106 8.56 -22.62 19.24
CA SER D 106 7.96 -22.15 18.16
C SER D 106 8.83 -22.30 17.11
N LEU D 107 9.98 -22.79 17.27
CA LEU D 107 10.98 -23.04 16.28
C LEU D 107 11.12 -24.45 16.22
N SER D 108 10.51 -25.20 16.97
CA SER D 108 10.48 -26.65 16.83
C SER D 108 9.16 -27.17 16.29
N THR D 109 8.03 -26.62 16.75
CA THR D 109 6.76 -27.33 16.65
C THR D 109 5.70 -26.55 15.88
N LEU D 110 6.01 -25.39 15.32
CA LEU D 110 4.99 -24.59 14.64
C LEU D 110 5.42 -24.29 13.21
N PRO D 111 5.12 -25.17 12.26
CA PRO D 111 5.49 -24.90 10.87
C PRO D 111 4.44 -24.11 10.12
N ASN D 112 4.72 -23.84 8.85
CA ASN D 112 3.87 -23.05 7.96
C ASN D 112 3.02 -24.01 7.16
N THR D 113 1.88 -24.41 7.70
CA THR D 113 1.05 -25.39 7.02
C THR D 113 -0.10 -24.78 6.21
N LEU D 114 -0.46 -23.53 6.45
CA LEU D 114 -1.61 -22.96 5.75
C LEU D 114 -1.26 -22.57 4.32
N VAL D 115 -0.15 -21.88 4.15
CA VAL D 115 0.22 -21.37 2.84
C VAL D 115 1.05 -22.37 2.05
N MET D 116 2.13 -22.87 2.62
CA MET D 116 2.97 -23.83 1.90
C MET D 116 2.53 -25.27 2.12
N GLY D 117 1.94 -25.60 3.26
CA GLY D 117 1.78 -26.99 3.64
C GLY D 117 0.68 -27.71 2.89
N ILE D 118 -0.43 -27.04 2.63
CA ILE D 118 -1.55 -27.67 1.93
C ILE D 118 -1.27 -27.86 0.44
N PRO D 119 -0.68 -26.91 -0.32
CA PRO D 119 -0.27 -27.26 -1.69
C PRO D 119 0.82 -28.30 -1.79
N LEU D 120 1.78 -28.34 -0.87
CA LEU D 120 2.92 -29.23 -1.03
C LEU D 120 2.56 -30.68 -0.79
N LEU D 121 1.88 -30.98 0.33
CA LEU D 121 1.54 -32.36 0.64
C LEU D 121 0.51 -32.92 -0.32
N LYS D 122 -0.36 -32.07 -0.86
CA LYS D 122 -1.39 -32.54 -1.77
C LYS D 122 -0.81 -32.90 -3.14
N GLY D 123 0.34 -32.35 -3.49
CA GLY D 123 1.00 -32.73 -4.72
C GLY D 123 1.91 -33.94 -4.58
N MET D 124 2.19 -34.34 -3.35
CA MET D 124 3.11 -35.45 -3.11
C MET D 124 2.40 -36.76 -2.83
N TYR D 125 1.27 -36.74 -2.15
CA TYR D 125 0.60 -37.98 -1.76
C TYR D 125 -0.86 -38.06 -2.18
N GLY D 126 -1.47 -36.99 -2.67
CA GLY D 126 -2.82 -37.09 -3.16
C GLY D 126 -3.79 -36.14 -2.51
N ASN D 127 -5.08 -36.37 -2.65
CA ASN D 127 -6.07 -35.45 -2.10
C ASN D 127 -6.45 -35.75 -0.67
N PHE D 128 -6.18 -36.95 -0.17
CA PHE D 128 -6.43 -37.21 1.24
C PHE D 128 -5.41 -36.52 2.10
N SER D 129 -4.21 -36.33 1.58
CA SER D 129 -3.11 -35.78 2.35
C SER D 129 -3.20 -34.27 2.48
N GLY D 130 -3.90 -33.63 1.57
CA GLY D 130 -4.23 -32.22 1.74
C GLY D 130 -5.47 -32.00 2.54
N ASP D 131 -6.09 -32.98 3.07
CA ASP D 131 -7.25 -32.88 3.96
C ASP D 131 -6.80 -33.17 5.28
N LEU D 132 -5.74 -33.93 5.45
CA LEU D 132 -5.16 -34.06 6.78
C LEU D 132 -4.50 -32.79 7.24
N MET D 133 -3.97 -32.00 6.30
CA MET D 133 -3.31 -30.75 6.66
C MET D 133 -4.30 -29.67 7.08
N VAL D 134 -5.57 -29.79 6.70
CA VAL D 134 -6.56 -28.83 7.15
C VAL D 134 -6.92 -29.10 8.61
N GLN D 135 -6.91 -30.37 9.02
CA GLN D 135 -7.22 -30.73 10.39
C GLN D 135 -6.15 -30.28 11.37
N ILE D 136 -4.90 -30.16 10.92
CA ILE D 136 -3.84 -29.60 11.75
C ILE D 136 -3.97 -28.08 11.90
N VAL D 137 -4.40 -27.40 10.84
CA VAL D 137 -4.63 -25.95 10.88
C VAL D 137 -5.75 -25.60 11.85
N VAL D 138 -6.76 -26.48 11.98
CA VAL D 138 -7.85 -26.26 12.92
C VAL D 138 -7.33 -26.28 14.36
N LEU D 139 -6.40 -27.18 14.66
CA LEU D 139 -5.84 -27.26 16.00
C LEU D 139 -4.84 -26.15 16.30
N GLN D 140 -4.09 -25.68 15.31
CA GLN D 140 -3.18 -24.56 15.55
C GLN D 140 -3.94 -23.29 15.82
N CYS D 141 -5.01 -23.03 15.07
CA CYS D 141 -5.76 -21.80 15.23
C CYS D 141 -6.51 -21.76 16.55
N ILE D 142 -6.97 -22.90 17.03
CA ILE D 142 -7.90 -22.92 18.14
C ILE D 142 -7.25 -23.35 19.46
N ILE D 143 -6.06 -23.97 19.43
CA ILE D 143 -5.43 -24.41 20.68
C ILE D 143 -4.02 -23.85 20.83
N TRP D 144 -3.13 -24.10 19.87
CA TRP D 144 -1.73 -23.82 20.12
C TRP D 144 -1.36 -22.37 19.90
N TYR D 145 -2.09 -21.60 19.24
CA TYR D 145 -1.79 -20.21 19.14
C TYR D 145 -2.48 -19.42 20.16
N THR D 146 -3.11 -19.98 21.17
CA THR D 146 -3.79 -19.37 22.26
C THR D 146 -3.07 -19.75 23.45
N LEU D 147 -2.24 -20.74 23.52
CA LEU D 147 -1.36 -20.98 24.60
C LEU D 147 -0.19 -20.17 24.45
N MET D 148 0.14 -19.56 23.36
CA MET D 148 1.23 -18.67 23.17
C MET D 148 0.83 -17.29 23.24
N LEU D 149 -0.30 -16.92 23.71
CA LEU D 149 -0.74 -15.59 23.99
C LEU D 149 -0.79 -15.75 25.41
N PHE D 150 -1.07 -16.91 25.95
CA PHE D 150 -1.01 -16.86 27.41
C PHE D 150 0.41 -16.72 27.92
N LEU D 151 1.41 -17.16 27.16
CA LEU D 151 2.77 -17.08 27.65
C LEU D 151 3.37 -15.71 27.45
N PHE D 152 3.00 -15.00 26.37
CA PHE D 152 3.50 -13.66 26.20
C PHE D 152 2.85 -12.68 27.16
N GLU D 153 1.60 -12.89 27.51
CA GLU D 153 0.93 -12.00 28.46
C GLU D 153 1.38 -12.24 29.89
N TYR D 154 1.68 -13.48 30.26
CA TYR D 154 2.27 -13.75 31.56
C TYR D 154 3.69 -13.21 31.66
N ARG D 155 4.41 -13.18 30.55
CA ARG D 155 5.78 -12.68 30.57
C ARG D 155 5.81 -11.17 30.68
N GLY D 156 4.81 -10.48 30.15
CA GLY D 156 4.75 -9.04 30.25
C GLY D 156 4.21 -8.57 31.59
N ALA D 157 3.25 -9.30 32.14
CA ALA D 157 2.67 -8.93 33.43
C ALA D 157 3.56 -9.32 34.60
N LYS D 158 4.67 -10.00 34.35
CA LYS D 158 5.63 -10.28 35.41
C LYS D 158 6.79 -9.30 35.37
N LEU D 159 7.09 -8.72 34.21
CA LEU D 159 8.10 -7.69 34.12
C LEU D 159 7.60 -6.34 34.56
N LEU D 160 6.32 -6.20 34.88
CA LEU D 160 5.75 -4.99 35.44
C LEU D 160 5.68 -5.04 36.96
N ILE D 161 5.18 -6.13 37.51
CA ILE D 161 4.96 -6.19 38.94
C ILE D 161 6.26 -6.40 39.70
N SER D 162 7.12 -7.29 39.20
CA SER D 162 8.40 -7.54 39.86
C SER D 162 9.35 -6.37 39.72
N GLU D 163 9.10 -5.44 38.80
CA GLU D 163 9.94 -4.28 38.60
C GLU D 163 9.49 -3.07 39.39
N GLN D 164 8.19 -2.92 39.63
CA GLN D 164 7.68 -1.78 40.40
C GLN D 164 7.28 -2.12 41.81
N PHE D 165 7.07 -3.40 42.13
CA PHE D 165 6.78 -3.83 43.51
C PHE D 165 7.83 -4.84 43.96
N PRO D 166 9.09 -4.43 44.16
CA PRO D 166 10.14 -5.42 44.40
C PRO D 166 10.14 -5.98 45.82
N ASP D 167 9.63 -5.25 46.81
CA ASP D 167 9.71 -5.68 48.20
C ASP D 167 8.34 -5.71 48.86
N THR D 168 7.27 -5.56 48.10
CA THR D 168 5.95 -5.38 48.69
C THR D 168 4.90 -6.26 48.06
N ALA D 169 5.19 -6.90 46.91
CA ALA D 169 4.18 -7.50 46.04
C ALA D 169 3.44 -8.69 46.65
N GLY D 170 3.84 -9.17 47.83
CA GLY D 170 3.10 -10.25 48.43
C GLY D 170 1.78 -9.85 49.05
N SER D 171 1.49 -8.56 49.13
CA SER D 171 0.28 -8.09 49.79
C SER D 171 -0.75 -7.53 48.82
N ILE D 172 -0.56 -7.72 47.51
CA ILE D 172 -1.53 -7.22 46.53
C ILE D 172 -2.71 -8.15 46.48
N VAL D 173 -3.92 -7.60 46.62
CA VAL D 173 -5.13 -8.42 46.64
C VAL D 173 -6.00 -8.23 45.40
N SER D 174 -5.78 -7.18 44.61
CA SER D 174 -6.62 -6.94 43.44
C SER D 174 -5.86 -6.03 42.48
N ILE D 175 -5.88 -6.37 41.20
CA ILE D 175 -5.23 -5.58 40.16
C ILE D 175 -6.27 -5.21 39.12
N HIS D 176 -6.41 -3.92 38.85
CA HIS D 176 -7.36 -3.39 37.88
C HIS D 176 -6.62 -2.65 36.79
N VAL D 177 -6.96 -2.91 35.54
CA VAL D 177 -6.33 -2.29 34.39
C VAL D 177 -7.37 -1.47 33.65
N ASP D 178 -7.03 -0.23 33.32
CA ASP D 178 -7.96 0.65 32.64
C ASP D 178 -8.09 0.28 31.17
N SER D 179 -9.28 0.52 30.63
CA SER D 179 -9.70 0.02 29.32
C SER D 179 -9.02 0.73 28.16
N ASP D 180 -8.24 1.76 28.42
CA ASP D 180 -7.51 2.42 27.35
C ASP D 180 -6.26 1.62 26.97
N ILE D 181 -5.75 0.82 27.89
CA ILE D 181 -4.49 0.11 27.72
C ILE D 181 -4.78 -1.28 27.17
N MET D 182 -4.09 -1.67 26.10
CA MET D 182 -4.17 -3.02 25.59
C MET D 182 -3.00 -3.87 26.05
N SER D 183 -1.78 -3.43 25.76
CA SER D 183 -0.58 -4.17 26.12
C SER D 183 0.26 -3.34 27.07
N LEU D 184 0.68 -3.96 28.18
CA LEU D 184 1.40 -3.27 29.24
C LEU D 184 2.90 -3.47 29.18
N ASP D 185 3.46 -3.55 27.97
CA ASP D 185 4.90 -3.41 27.80
C ASP D 185 5.27 -1.94 27.72
N GLY D 186 6.51 -1.60 27.36
CA GLY D 186 6.84 -0.20 27.36
C GLY D 186 6.52 0.51 26.06
N ARG D 187 5.33 1.07 25.99
CA ARG D 187 4.89 1.94 24.89
C ARG D 187 4.26 3.22 25.41
N GLN D 188 3.52 3.14 26.50
CA GLN D 188 2.87 4.23 27.20
C GLN D 188 3.58 4.41 28.54
N PRO D 189 3.34 5.52 29.26
CA PRO D 189 4.01 5.67 30.56
C PRO D 189 3.64 4.65 31.63
N LEU D 190 2.38 4.23 31.71
CA LEU D 190 1.88 3.21 32.65
C LEU D 190 2.16 3.59 34.11
N GLU D 191 1.50 4.65 34.53
CA GLU D 191 1.47 5.04 35.92
C GLU D 191 0.67 4.03 36.75
N THR D 192 1.33 3.24 37.59
CA THR D 192 0.59 2.36 38.47
C THR D 192 0.43 2.98 39.84
N GLU D 193 -0.55 2.51 40.59
CA GLU D 193 -0.99 3.22 41.78
C GLU D 193 -1.55 2.20 42.76
N ALA D 194 -1.28 2.38 44.03
CA ALA D 194 -1.72 1.42 45.04
C ALA D 194 -2.54 2.12 46.11
N GLU D 195 -3.62 1.47 46.52
CA GLU D 195 -4.51 1.97 47.55
C GLU D 195 -4.32 1.12 48.79
N ILE D 196 -3.87 1.73 49.88
CA ILE D 196 -3.67 1.00 51.11
C ILE D 196 -4.99 0.94 51.87
N LYS D 197 -5.49 -0.26 52.09
CA LYS D 197 -6.75 -0.46 52.79
C LYS D 197 -6.49 -0.49 54.30
N GLU D 198 -7.50 -0.91 55.07
CA GLU D 198 -7.44 -0.80 56.52
C GLU D 198 -6.54 -1.84 57.16
N ASP D 199 -6.22 -2.93 56.47
CA ASP D 199 -5.37 -3.97 57.03
C ASP D 199 -3.91 -3.81 56.61
N GLY D 200 -3.64 -3.02 55.58
CA GLY D 200 -2.34 -3.02 54.95
C GLY D 200 -2.29 -3.80 53.66
N LYS D 201 -3.44 -4.15 53.09
CA LYS D 201 -3.51 -4.86 51.83
C LYS D 201 -3.62 -3.83 50.70
N LEU D 202 -2.77 -3.98 49.70
CA LEU D 202 -2.71 -3.02 48.60
C LEU D 202 -3.78 -3.36 47.57
N HIS D 203 -4.20 -2.33 46.82
CA HIS D 203 -5.24 -2.48 45.81
C HIS D 203 -4.76 -1.75 44.55
N VAL D 204 -4.06 -2.48 43.70
CA VAL D 204 -3.29 -1.89 42.60
C VAL D 204 -4.23 -1.52 41.47
N THR D 205 -3.98 -0.36 40.85
CA THR D 205 -4.75 0.11 39.71
C THR D 205 -3.78 0.66 38.69
N VAL D 206 -3.76 0.09 37.49
CA VAL D 206 -2.84 0.55 36.45
C VAL D 206 -3.54 1.63 35.63
N ARG D 207 -3.00 2.85 35.64
CA ARG D 207 -3.54 3.95 34.84
C ARG D 207 -2.60 4.32 33.71
N ARG D 208 -3.06 5.07 32.69
CA ARG D 208 -2.10 5.50 31.68
C ARG D 208 -1.68 6.86 32.04
N SER D 209 -0.39 7.19 32.04
CA SER D 209 0.08 8.50 32.56
C SER D 209 0.03 9.62 31.52
N ASN D 210 0.11 10.88 31.97
CA ASN D 210 -0.01 12.02 31.08
C ASN D 210 1.26 12.75 30.98
N ALA D 211 1.48 13.44 29.86
CA ALA D 211 2.75 14.09 29.58
C ALA D 211 3.92 13.18 29.96
N VAL D 454 9.44 -11.89 46.14
CA VAL D 454 8.14 -12.54 46.22
C VAL D 454 7.28 -12.18 45.01
N MET D 455 6.09 -12.75 44.96
CA MET D 455 5.12 -12.53 43.89
C MET D 455 3.73 -12.44 44.49
N PRO D 456 2.77 -11.83 43.78
CA PRO D 456 1.38 -11.82 44.24
C PRO D 456 0.80 -13.22 44.29
N PRO D 457 -0.27 -13.44 45.05
CA PRO D 457 -0.88 -14.78 45.12
C PRO D 457 -1.47 -15.19 43.78
N THR D 458 -1.51 -16.50 43.56
CA THR D 458 -1.85 -17.05 42.26
C THR D 458 -3.33 -16.92 41.90
N SER D 459 -4.16 -16.43 42.81
CA SER D 459 -5.53 -16.06 42.49
C SER D 459 -5.64 -14.61 42.03
N VAL D 460 -4.56 -13.85 42.12
CA VAL D 460 -4.53 -12.46 41.68
C VAL D 460 -3.88 -12.32 40.32
N MET D 461 -2.77 -13.01 40.11
CA MET D 461 -2.12 -13.05 38.80
C MET D 461 -2.95 -13.77 37.77
N THR D 462 -3.88 -14.64 38.18
CA THR D 462 -4.67 -15.36 37.20
C THR D 462 -5.88 -14.60 36.73
N ARG D 463 -6.22 -13.48 37.37
CA ARG D 463 -7.26 -12.61 36.86
C ARG D 463 -6.70 -11.48 36.04
N LEU D 464 -5.47 -11.07 36.31
CA LEU D 464 -4.81 -10.06 35.50
C LEU D 464 -4.55 -10.56 34.10
N ILE D 465 -4.24 -11.84 33.95
CA ILE D 465 -3.90 -12.39 32.64
C ILE D 465 -5.15 -12.66 31.82
N LEU D 466 -6.20 -13.21 32.43
CA LEU D 466 -7.41 -13.54 31.69
C LEU D 466 -8.13 -12.30 31.18
N ILE D 467 -7.94 -11.15 31.82
CA ILE D 467 -8.49 -9.90 31.30
C ILE D 467 -7.79 -9.51 30.02
N MET D 468 -6.49 -9.58 30.07
CA MET D 468 -5.67 -9.18 28.99
C MET D 468 -5.43 -10.09 27.93
N VAL D 469 -5.68 -11.33 28.07
CA VAL D 469 -5.78 -12.29 26.99
C VAL D 469 -7.08 -12.04 26.22
N TRP D 470 -8.15 -11.71 26.93
CA TRP D 470 -9.44 -11.46 26.31
C TRP D 470 -9.43 -10.21 25.44
N ARG D 471 -8.72 -9.16 25.84
CA ARG D 471 -8.72 -7.92 25.08
C ARG D 471 -7.91 -8.01 23.80
N LYS D 472 -6.96 -8.92 23.70
CA LYS D 472 -6.21 -9.08 22.48
C LYS D 472 -6.72 -10.23 21.64
N LEU D 473 -7.82 -10.85 22.04
CA LEU D 473 -8.40 -11.96 21.33
C LEU D 473 -9.65 -11.55 20.57
N ILE D 474 -10.28 -10.46 20.97
CA ILE D 474 -11.39 -9.87 20.22
C ILE D 474 -10.92 -8.84 19.21
N ARG D 475 -9.70 -8.37 19.30
CA ARG D 475 -9.11 -7.44 18.34
C ARG D 475 -8.33 -8.15 17.25
N ASN D 476 -8.49 -9.43 17.12
CA ASN D 476 -7.69 -10.27 16.24
C ASN D 476 -8.57 -10.81 15.14
N PRO D 477 -8.21 -10.64 13.86
CA PRO D 477 -9.08 -11.15 12.79
C PRO D 477 -9.09 -12.66 12.67
N ASN D 478 -8.04 -13.33 13.14
CA ASN D 478 -7.91 -14.77 13.00
C ASN D 478 -8.63 -15.56 14.08
N SER D 479 -9.44 -14.91 14.90
CA SER D 479 -10.27 -15.63 15.85
C SER D 479 -11.73 -15.66 15.46
N TYR D 480 -12.13 -14.81 14.51
CA TYR D 480 -13.45 -14.86 13.90
C TYR D 480 -13.47 -15.79 12.71
N SER D 481 -12.34 -15.90 12.02
CA SER D 481 -12.14 -16.91 11.00
C SER D 481 -12.24 -18.32 11.56
N SER D 482 -11.81 -18.52 12.79
CA SER D 482 -11.86 -19.83 13.42
C SER D 482 -13.18 -20.07 14.13
N LEU D 483 -13.84 -19.01 14.60
CA LEU D 483 -15.10 -19.18 15.30
C LEU D 483 -16.23 -19.50 14.35
N PHE D 484 -16.40 -18.70 13.31
CA PHE D 484 -17.47 -18.93 12.35
C PHE D 484 -17.17 -20.08 11.41
N GLY D 485 -15.92 -20.50 11.27
CA GLY D 485 -15.58 -21.61 10.42
C GLY D 485 -15.98 -22.92 11.03
N ILE D 486 -15.71 -23.11 12.31
CA ILE D 486 -16.06 -24.35 12.99
C ILE D 486 -17.56 -24.40 13.27
N THR D 487 -18.18 -23.25 13.47
CA THR D 487 -19.61 -23.20 13.77
C THR D 487 -20.44 -23.57 12.55
N TRP D 488 -20.08 -23.07 11.37
CA TRP D 488 -20.78 -23.48 10.15
C TRP D 488 -20.50 -24.92 9.81
N SER D 489 -19.33 -25.42 10.15
CA SER D 489 -18.93 -26.76 9.73
C SER D 489 -19.65 -27.84 10.53
N LEU D 490 -20.08 -27.52 11.75
CA LEU D 490 -20.84 -28.47 12.55
C LEU D 490 -22.30 -28.53 12.09
N ILE D 491 -22.81 -27.45 11.53
CA ILE D 491 -24.18 -27.40 11.05
C ILE D 491 -24.31 -27.98 9.65
N SER D 492 -23.32 -27.73 8.80
CA SER D 492 -23.41 -28.16 7.42
C SER D 492 -23.29 -29.67 7.27
N PHE D 493 -22.45 -30.31 8.04
CA PHE D 493 -22.16 -31.72 7.82
C PHE D 493 -23.02 -32.65 8.63
N LYS D 494 -23.97 -32.13 9.39
CA LYS D 494 -24.91 -32.97 10.10
C LYS D 494 -26.25 -33.07 9.40
N TRP D 495 -26.82 -31.93 9.02
CA TRP D 495 -28.09 -31.91 8.31
C TRP D 495 -27.93 -31.83 6.79
N ASN D 496 -26.70 -31.89 6.28
CA ASN D 496 -26.36 -31.78 4.86
C ASN D 496 -26.92 -30.50 4.23
N ILE D 497 -26.46 -29.37 4.72
CA ILE D 497 -26.85 -28.06 4.22
C ILE D 497 -25.68 -27.46 3.46
N GLU D 498 -25.90 -27.14 2.19
CA GLU D 498 -24.89 -26.47 1.39
C GLU D 498 -25.05 -24.97 1.55
N MET D 499 -23.93 -24.25 1.49
CA MET D 499 -23.98 -22.80 1.52
C MET D 499 -24.52 -22.30 0.19
N PRO D 500 -25.38 -21.28 0.19
CA PRO D 500 -25.93 -20.77 -1.07
C PRO D 500 -24.86 -20.12 -1.95
N ALA D 501 -25.26 -19.82 -3.18
CA ALA D 501 -24.30 -19.35 -4.16
C ALA D 501 -24.04 -17.86 -4.10
N LEU D 502 -24.93 -17.08 -3.49
CA LEU D 502 -24.62 -15.67 -3.27
C LEU D 502 -23.52 -15.52 -2.22
N ILE D 503 -23.60 -16.29 -1.14
CA ILE D 503 -22.67 -16.14 -0.04
C ILE D 503 -21.34 -16.82 -0.37
N ALA D 504 -21.38 -17.95 -1.06
CA ALA D 504 -20.14 -18.67 -1.37
C ALA D 504 -19.30 -17.97 -2.41
N LYS D 505 -19.88 -17.08 -3.21
CA LYS D 505 -19.12 -16.30 -4.17
C LYS D 505 -18.74 -14.93 -3.64
N SER D 506 -19.42 -14.45 -2.60
CA SER D 506 -19.00 -13.21 -1.95
C SER D 506 -17.76 -13.41 -1.12
N ILE D 507 -17.58 -14.61 -0.58
CA ILE D 507 -16.39 -14.95 0.18
C ILE D 507 -15.24 -15.29 -0.75
N SER D 508 -15.53 -16.02 -1.82
CA SER D 508 -14.50 -16.53 -2.72
C SER D 508 -13.90 -15.46 -3.62
N ILE D 509 -14.42 -14.23 -3.62
CA ILE D 509 -13.86 -13.22 -4.50
C ILE D 509 -12.60 -12.62 -3.89
N LEU D 510 -12.50 -12.59 -2.56
CA LEU D 510 -11.29 -12.12 -1.90
C LEU D 510 -10.39 -13.25 -1.42
N SER D 511 -10.93 -14.44 -1.18
CA SER D 511 -10.10 -15.54 -0.73
C SER D 511 -9.33 -16.20 -1.85
N ASP D 512 -9.67 -15.95 -3.11
CA ASP D 512 -8.83 -16.40 -4.21
C ASP D 512 -7.54 -15.59 -4.30
N ALA D 513 -7.56 -14.37 -3.79
CA ALA D 513 -6.39 -13.51 -3.72
C ALA D 513 -5.47 -13.88 -2.58
N GLY D 514 -5.80 -14.88 -1.78
CA GLY D 514 -5.13 -15.14 -0.54
C GLY D 514 -3.84 -15.91 -0.64
N LEU D 515 -3.78 -16.92 -1.51
CA LEU D 515 -2.57 -17.72 -1.63
C LEU D 515 -1.48 -16.96 -2.38
N GLY D 516 -1.86 -16.20 -3.39
CA GLY D 516 -0.87 -15.54 -4.22
C GLY D 516 -0.25 -14.33 -3.57
N MET D 517 -1.02 -13.60 -2.76
CA MET D 517 -0.48 -12.44 -2.08
C MET D 517 0.03 -12.72 -0.69
N ALA D 518 -0.17 -13.94 -0.16
CA ALA D 518 0.55 -14.30 1.04
C ALA D 518 2.01 -14.53 0.74
N MET D 519 2.31 -14.98 -0.46
CA MET D 519 3.68 -15.14 -0.91
C MET D 519 4.26 -13.85 -1.47
N PHE D 520 3.44 -12.97 -2.04
CA PHE D 520 3.92 -11.67 -2.48
C PHE D 520 4.29 -10.80 -1.29
N SER D 521 3.53 -10.88 -0.21
CA SER D 521 3.82 -10.12 1.00
C SER D 521 5.04 -10.63 1.75
N LEU D 522 5.41 -11.90 1.59
CA LEU D 522 6.58 -12.43 2.26
C LEU D 522 7.87 -12.09 1.54
N GLY D 523 7.80 -11.74 0.26
CA GLY D 523 8.95 -11.23 -0.45
C GLY D 523 9.18 -9.75 -0.25
N LEU D 524 8.14 -9.00 0.08
CA LEU D 524 8.32 -7.62 0.51
C LEU D 524 8.97 -7.52 1.88
N PHE D 525 8.81 -8.54 2.72
CA PHE D 525 9.51 -8.56 4.00
C PHE D 525 11.00 -8.77 3.82
N MET D 526 11.41 -9.64 2.92
CA MET D 526 12.84 -9.92 2.79
C MET D 526 13.59 -8.85 2.01
N ALA D 527 12.89 -7.91 1.39
CA ALA D 527 13.54 -6.77 0.76
C ALA D 527 13.67 -5.57 1.68
N LEU D 528 12.92 -5.54 2.77
CA LEU D 528 12.99 -4.45 3.72
C LEU D 528 13.95 -4.72 4.87
N ASN D 529 14.32 -5.97 5.10
CA ASN D 529 15.40 -6.26 6.02
C ASN D 529 16.74 -5.88 5.40
N PRO D 530 17.73 -5.51 6.22
CA PRO D 530 19.04 -5.14 5.67
C PRO D 530 19.80 -6.32 5.10
N ARG D 531 19.81 -7.44 5.82
CA ARG D 531 20.42 -8.67 5.33
C ARG D 531 19.40 -9.79 5.45
N ILE D 532 19.64 -10.86 4.69
CA ILE D 532 18.77 -12.03 4.76
C ILE D 532 19.05 -12.82 6.02
N ILE D 533 20.31 -13.17 6.24
CA ILE D 533 20.73 -13.80 7.49
C ILE D 533 20.91 -12.68 8.50
N ALA D 534 19.84 -12.35 9.23
CA ALA D 534 19.78 -11.12 9.98
C ALA D 534 20.44 -11.19 11.35
N CYS D 535 20.65 -12.37 11.91
CA CYS D 535 21.12 -12.48 13.28
C CYS D 535 22.58 -12.89 13.40
N GLY D 536 23.19 -13.35 12.32
CA GLY D 536 24.55 -13.87 12.37
C GLY D 536 24.57 -15.36 12.12
N ASN D 537 25.74 -15.81 11.66
CA ASN D 537 25.88 -17.18 11.21
C ASN D 537 25.87 -18.19 12.34
N ARG D 538 26.18 -17.77 13.57
CA ARG D 538 26.18 -18.69 14.70
C ARG D 538 24.76 -19.09 15.09
N ARG D 539 23.83 -18.25 15.00
CA ARG D 539 22.52 -18.56 15.36
C ARG D 539 21.65 -18.91 14.24
N ALA D 540 21.93 -18.51 13.06
CA ALA D 540 21.13 -18.96 11.93
C ALA D 540 21.35 -20.44 11.63
N ALA D 541 22.47 -21.01 12.05
CA ALA D 541 22.66 -22.44 11.95
C ALA D 541 21.96 -23.20 13.05
N PHE D 542 21.57 -22.50 14.12
CA PHE D 542 20.81 -23.07 15.22
C PHE D 542 19.31 -22.95 15.01
N ALA D 543 18.86 -21.90 14.34
CA ALA D 543 17.45 -21.77 14.03
C ALA D 543 17.01 -22.71 12.92
N ALA D 544 17.94 -23.22 12.14
CA ALA D 544 17.63 -24.15 11.06
C ALA D 544 17.95 -25.58 11.42
N ALA D 545 18.48 -25.83 12.60
CA ALA D 545 18.64 -27.18 13.10
C ALA D 545 17.56 -27.59 14.08
N MET D 546 16.94 -26.62 14.75
CA MET D 546 15.76 -26.93 15.54
C MET D 546 14.58 -27.26 14.64
N ARG D 547 14.51 -26.63 13.46
CA ARG D 547 13.34 -26.78 12.62
C ARG D 547 13.39 -28.01 11.74
N PHE D 548 14.52 -28.30 11.11
CA PHE D 548 14.59 -29.37 10.14
C PHE D 548 15.21 -30.65 10.69
N VAL D 549 15.68 -30.68 11.93
CA VAL D 549 16.28 -31.86 12.52
C VAL D 549 15.60 -32.26 13.82
N VAL D 550 15.48 -31.34 14.77
CA VAL D 550 14.87 -31.67 16.06
C VAL D 550 13.35 -31.78 15.93
N GLY D 551 12.74 -31.02 15.02
CA GLY D 551 11.34 -31.13 14.72
C GLY D 551 10.89 -32.49 14.20
N PRO D 552 11.47 -32.98 13.10
CA PRO D 552 11.10 -34.30 12.61
C PRO D 552 11.72 -35.47 13.34
N ALA D 553 12.53 -35.25 14.38
CA ALA D 553 13.00 -36.37 15.18
C ALA D 553 12.20 -36.59 16.44
N VAL D 554 11.56 -35.53 16.96
CA VAL D 554 10.67 -35.69 18.10
C VAL D 554 9.27 -36.05 17.63
N MET D 555 9.01 -36.08 16.32
CA MET D 555 7.76 -36.61 15.83
C MET D 555 7.92 -38.01 15.24
N LEU D 556 9.13 -38.47 15.00
CA LEU D 556 9.29 -39.89 14.70
C LEU D 556 9.03 -40.72 15.95
N VAL D 557 9.39 -40.19 17.12
CA VAL D 557 9.12 -40.87 18.38
C VAL D 557 7.65 -40.82 18.72
N ALA D 558 7.01 -39.67 18.51
CA ALA D 558 5.60 -39.51 18.89
C ALA D 558 4.67 -40.26 17.96
N SER D 559 5.02 -40.39 16.68
CA SER D 559 4.15 -41.04 15.72
C SER D 559 4.37 -42.54 15.66
N TYR D 560 5.43 -43.04 16.28
CA TYR D 560 5.62 -44.48 16.36
C TYR D 560 5.01 -45.06 17.62
N ALA D 561 4.90 -44.26 18.68
CA ALA D 561 4.30 -44.73 19.92
C ALA D 561 2.78 -44.82 19.81
N VAL D 562 2.16 -43.93 19.05
CA VAL D 562 0.72 -43.99 18.88
C VAL D 562 0.33 -45.15 17.99
N GLY D 563 1.09 -45.41 16.94
CA GLY D 563 0.86 -46.58 16.13
C GLY D 563 0.62 -46.32 14.67
N LEU D 564 1.09 -45.19 14.17
CA LEU D 564 1.00 -44.90 12.74
C LEU D 564 2.05 -45.69 12.00
N ARG D 565 1.71 -46.24 10.85
CA ARG D 565 2.65 -46.96 10.03
C ARG D 565 2.32 -46.76 8.60
N GLY D 566 3.21 -47.07 7.71
CA GLY D 566 2.96 -46.97 6.29
C GLY D 566 3.02 -45.57 5.73
N VAL D 567 1.92 -45.11 5.14
CA VAL D 567 1.91 -43.83 4.45
C VAL D 567 1.58 -42.68 5.40
N LEU D 568 0.78 -42.92 6.44
CA LEU D 568 0.52 -41.86 7.42
C LEU D 568 1.74 -41.53 8.24
N LEU D 569 2.67 -42.47 8.39
CA LEU D 569 3.93 -42.14 9.03
C LEU D 569 4.77 -41.26 8.13
N HIS D 570 4.62 -41.40 6.82
CA HIS D 570 5.42 -40.61 5.90
C HIS D 570 4.85 -39.21 5.72
N VAL D 571 3.54 -39.04 5.89
CA VAL D 571 2.97 -37.70 5.87
C VAL D 571 3.35 -36.93 7.12
N ALA D 572 3.38 -37.61 8.27
CA ALA D 572 3.57 -36.93 9.54
C ALA D 572 5.02 -36.51 9.76
N ILE D 573 6.03 -37.05 9.18
CA ILE D 573 7.46 -36.64 9.24
C ILE D 573 7.84 -35.64 8.18
N ILE D 574 6.99 -35.22 7.30
CA ILE D 574 7.29 -34.35 6.19
C ILE D 574 6.51 -33.16 6.46
N GLN D 575 5.43 -33.14 7.21
CA GLN D 575 4.78 -31.97 7.66
C GLN D 575 5.53 -31.39 8.83
N ALA D 576 6.44 -32.04 9.48
CA ALA D 576 7.16 -31.40 10.55
C ALA D 576 8.42 -30.70 10.06
N ALA D 577 8.85 -30.97 8.85
CA ALA D 577 10.02 -30.35 8.26
C ALA D 577 9.67 -29.20 7.32
N LEU D 578 8.45 -28.68 7.40
CA LEU D 578 8.09 -27.49 6.69
C LEU D 578 8.80 -26.29 7.32
N PRO D 579 8.96 -25.17 6.58
CA PRO D 579 9.59 -23.99 7.20
C PRO D 579 8.77 -23.30 8.27
N GLN D 580 9.33 -22.27 8.87
CA GLN D 580 8.74 -21.63 10.03
C GLN D 580 7.49 -20.85 9.65
N GLY D 581 6.47 -20.94 10.51
CA GLY D 581 5.24 -20.25 10.27
C GLY D 581 5.37 -18.76 10.44
N ILE D 582 4.35 -18.05 10.09
CA ILE D 582 4.35 -16.62 10.05
C ILE D 582 3.77 -16.05 11.19
N VAL D 583 2.85 -16.68 11.77
CA VAL D 583 2.12 -16.17 12.94
C VAL D 583 3.02 -16.09 14.19
N PRO D 584 3.91 -17.05 14.50
CA PRO D 584 4.88 -16.79 15.57
C PRO D 584 5.85 -15.65 15.30
N PHE D 585 6.03 -15.26 14.04
CA PHE D 585 6.87 -14.12 13.72
C PHE D 585 6.17 -12.80 14.02
N VAL D 586 4.84 -12.79 14.01
CA VAL D 586 4.10 -11.59 14.35
C VAL D 586 4.14 -11.36 15.86
N PHE D 587 4.06 -12.43 16.65
CA PHE D 587 4.11 -12.29 18.10
C PHE D 587 5.48 -11.84 18.59
N ALA D 588 6.56 -12.34 17.97
CA ALA D 588 7.89 -11.97 18.44
C ALA D 588 8.26 -10.55 18.03
N LYS D 589 7.61 -10.01 17.02
CA LYS D 589 7.88 -8.63 16.63
C LYS D 589 7.17 -7.64 17.55
N GLU D 590 5.95 -7.97 17.99
CA GLU D 590 5.20 -7.09 18.88
C GLU D 590 5.78 -7.05 20.28
N TYR D 591 6.05 -8.16 20.82
CA TYR D 591 6.45 -8.21 22.11
C TYR D 591 7.94 -8.21 22.27
N ASN D 592 8.75 -8.09 21.24
CA ASN D 592 10.23 -8.14 21.23
C ASN D 592 10.84 -9.20 22.01
N VAL D 593 10.84 -10.43 21.52
CA VAL D 593 11.42 -11.53 22.17
C VAL D 593 12.04 -12.17 21.00
N HIS D 594 13.28 -11.94 20.74
CA HIS D 594 14.08 -12.49 19.68
C HIS D 594 13.50 -12.20 18.35
N PRO D 595 13.33 -10.95 17.99
CA PRO D 595 12.63 -10.74 16.73
C PRO D 595 13.48 -11.01 15.50
N ASP D 596 14.74 -11.41 15.67
CA ASP D 596 15.65 -11.66 14.56
C ASP D 596 15.86 -13.13 14.30
N ILE D 597 15.87 -13.96 15.34
CA ILE D 597 15.99 -15.39 15.13
C ILE D 597 14.70 -15.92 14.50
N LEU D 598 13.56 -15.33 14.84
CA LEU D 598 12.32 -15.69 14.16
C LEU D 598 12.13 -14.92 12.86
N SER D 599 13.02 -14.00 12.52
CA SER D 599 12.96 -13.35 11.22
C SER D 599 13.78 -14.06 10.17
N THR D 600 14.94 -14.60 10.55
CA THR D 600 15.77 -15.39 9.65
C THR D 600 15.36 -16.85 9.61
N ALA D 601 14.27 -17.23 10.26
CA ALA D 601 13.76 -18.57 10.11
C ALA D 601 12.55 -18.64 9.20
N VAL D 602 11.81 -17.54 9.07
CA VAL D 602 10.74 -17.45 8.10
C VAL D 602 11.30 -17.22 6.71
N ILE D 603 12.25 -16.29 6.59
CA ILE D 603 12.78 -15.90 5.29
C ILE D 603 13.76 -16.94 4.77
N PHE D 604 14.83 -17.18 5.52
CA PHE D 604 15.85 -18.13 5.10
C PHE D 604 15.35 -19.57 5.16
N GLY D 605 14.27 -19.83 5.90
CA GLY D 605 13.66 -21.14 5.88
C GLY D 605 12.87 -21.43 4.63
N MET D 606 12.26 -20.41 4.01
CA MET D 606 11.55 -20.64 2.75
C MET D 606 12.49 -20.98 1.62
N LEU D 607 13.71 -20.46 1.65
CA LEU D 607 14.60 -20.64 0.51
C LEU D 607 15.20 -22.04 0.49
N ILE D 608 15.49 -22.61 1.65
CA ILE D 608 16.07 -23.92 1.79
C ILE D 608 15.21 -25.01 2.19
N ALA D 609 13.94 -24.89 2.12
CA ALA D 609 12.99 -25.85 2.56
C ALA D 609 12.66 -26.77 1.60
N LEU D 610 12.69 -26.48 0.33
CA LEU D 610 12.51 -27.50 -0.71
C LEU D 610 13.60 -28.50 -0.91
N PRO D 611 14.88 -28.15 -1.00
CA PRO D 611 15.82 -29.20 -1.12
C PRO D 611 15.84 -30.03 0.03
N ILE D 612 15.10 -29.91 1.14
CA ILE D 612 15.14 -30.59 2.44
C ILE D 612 13.90 -31.32 2.61
N THR D 613 12.76 -30.87 2.14
CA THR D 613 11.56 -31.71 2.08
C THR D 613 11.57 -32.62 0.87
N LEU D 614 12.36 -32.33 -0.15
CA LEU D 614 12.58 -33.31 -1.20
C LEU D 614 13.60 -34.36 -0.81
N LEU D 615 14.46 -34.08 0.17
CA LEU D 615 15.40 -35.12 0.57
C LEU D 615 14.74 -36.14 1.48
N TYR D 616 13.75 -35.73 2.28
CA TYR D 616 12.99 -36.70 3.04
C TYR D 616 12.06 -37.51 2.13
N TYR D 617 11.58 -37.01 1.04
CA TYR D 617 10.66 -37.79 0.29
C TYR D 617 11.30 -38.77 -0.61
N ILE D 618 12.60 -38.71 -0.85
CA ILE D 618 13.30 -39.55 -1.73
C ILE D 618 13.93 -40.51 -0.86
N LEU D 619 13.99 -40.30 0.40
CA LEU D 619 14.55 -41.22 1.34
C LEU D 619 13.51 -42.03 2.13
N LEU D 620 12.32 -41.56 2.40
CA LEU D 620 11.23 -42.29 3.01
C LEU D 620 10.59 -43.27 2.03
N GLY D 621 10.41 -42.86 0.77
CA GLY D 621 9.96 -43.77 -0.25
C GLY D 621 11.12 -44.45 -0.97
N LEU D 622 12.04 -45.00 -0.19
CA LEU D 622 13.21 -45.66 -0.74
C LEU D 622 12.93 -47.15 -0.80
#